data_6SIZ
#
_entry.id   6SIZ
#
_cell.length_a   107.450
_cell.length_b   138.810
_cell.length_c   130.700
_cell.angle_alpha   90.000
_cell.angle_beta   90.000
_cell.angle_gamma   90.000
#
_symmetry.space_group_name_H-M   'C 2 2 21'
#
loop_
_entity.id
_entity.type
_entity.pdbx_description
1 polymer 'AMP-dependent synthetase and ligase'
2 non-polymer 'ZINC ION'
3 non-polymer '3-HYDROXYANTHRANILIC ACID'
4 non-polymer 'PHOSPHOAMINOPHOSPHONIC ACID-ADENYLATE ESTER'
5 non-polymer 1,2-ETHANEDIOL
6 non-polymer 'MAGNESIUM ION'
7 non-polymer DI(HYDROXYETHYL)ETHER
8 water water
#
_entity_poly.entity_id   1
_entity_poly.type   'polypeptide(L)'
_entity_poly.pdbx_seq_one_letter_code
;AMSRSRPELGDWSSPAELAELQRSQLPRVLAQALRSPFYAARYRGTTPPRTADDFAGVEVTAKQDLRDQYPFGMLAVGRE
HLATYHESSGTAGEPTASYYTEEDWTDLAERFARKWTGIHPSDTFLVRTPYGLVITGHLAQAAGRLRGATVVPGDARSLA
TPLSRMVRVLKTLDVTLTWCNPTEITMLAAAAKAAGLRPDQDFPHLRAMFTAAEPLTEVRRRRLSEIWGGIPVVEEYGST
ETGTIAGQCPEGRMHLWADRAIFEVYDPRTGTLSEAGRGQMVVTPLYRDAMPLLRYNLADDVEVSTDPCGCGWLLPTVTV
LGRAGTGHRIGPATVTQQRLEELVFSLPAAYEVMFWRAKAHPDVLELEFEAPEPVRQRAVKELGAALDRELGVPHRITGL
APGTLVPAEALTAQRDILKARYLFAEDEDWDKAVMYF
;
_entity_poly.pdbx_strand_id   A,B
#
loop_
_chem_comp.id
_chem_comp.type
_chem_comp.name
_chem_comp.formula
3HA non-polymer '3-HYDROXYANTHRANILIC ACID' 'C7 H7 N O3'
ANP non-polymer 'PHOSPHOAMINOPHOSPHONIC ACID-ADENYLATE ESTER' 'C10 H17 N6 O12 P3'
EDO non-polymer 1,2-ETHANEDIOL 'C2 H6 O2'
MG non-polymer 'MAGNESIUM ION' 'Mg 2'
PEG non-polymer DI(HYDROXYETHYL)ETHER 'C4 H10 O3'
ZN non-polymer 'ZINC ION' 'Zn 2'
#
# COMPACT_ATOMS: atom_id res chain seq x y z
N SER A 5 -13.13 3.57 -28.65
CA SER A 5 -11.84 4.02 -28.07
C SER A 5 -10.79 2.88 -28.14
N ARG A 6 -10.89 1.84 -27.30
CA ARG A 6 -9.87 0.77 -27.19
C ARG A 6 -10.49 -0.59 -27.52
N PRO A 7 -9.77 -1.49 -28.22
CA PRO A 7 -10.34 -2.77 -28.64
C PRO A 7 -10.59 -3.74 -27.47
N GLU A 8 -11.55 -4.66 -27.68
CA GLU A 8 -11.89 -5.78 -26.77
C GLU A 8 -11.63 -7.11 -27.49
N LEU A 9 -11.34 -8.17 -26.74
CA LEU A 9 -11.29 -9.55 -27.30
C LEU A 9 -12.54 -9.74 -28.17
N GLY A 10 -12.37 -10.04 -29.47
CA GLY A 10 -13.48 -10.29 -30.41
C GLY A 10 -13.59 -9.24 -31.51
N ASP A 11 -12.91 -8.09 -31.38
CA ASP A 11 -12.99 -6.97 -32.36
C ASP A 11 -12.22 -7.28 -33.64
N TRP A 12 -11.41 -8.35 -33.66
CA TRP A 12 -10.68 -8.83 -34.86
C TRP A 12 -10.99 -10.32 -35.07
N SER A 13 -11.08 -10.74 -36.33
CA SER A 13 -11.49 -12.12 -36.74
C SER A 13 -10.33 -12.85 -37.44
N SER A 14 -9.16 -12.21 -37.56
CA SER A 14 -7.96 -12.73 -38.26
C SER A 14 -6.71 -11.98 -37.81
N PRO A 15 -5.50 -12.53 -38.02
CA PRO A 15 -4.25 -11.83 -37.73
C PRO A 15 -4.04 -10.57 -38.59
N ALA A 16 -4.54 -10.60 -39.83
CA ALA A 16 -4.52 -9.44 -40.75
C ALA A 16 -5.30 -8.28 -40.12
N GLU A 17 -6.49 -8.55 -39.57
CA GLU A 17 -7.36 -7.50 -38.93
C GLU A 17 -6.67 -6.99 -37.67
N LEU A 18 -6.07 -7.88 -36.87
CA LEU A 18 -5.36 -7.50 -35.63
C LEU A 18 -4.25 -6.50 -35.98
N ALA A 19 -3.47 -6.81 -37.03
CA ALA A 19 -2.33 -5.98 -37.50
C ALA A 19 -2.83 -4.60 -37.95
N GLU A 20 -4.02 -4.50 -38.55
CA GLU A 20 -4.58 -3.19 -38.98
C GLU A 20 -4.98 -2.39 -37.74
N LEU A 21 -5.57 -3.03 -36.72
CA LEU A 21 -5.92 -2.36 -35.43
C LEU A 21 -4.67 -1.69 -34.84
N GLN A 22 -3.50 -2.36 -34.95
CA GLN A 22 -2.21 -1.86 -34.40
C GLN A 22 -1.72 -0.69 -35.24
N ARG A 23 -1.58 -0.88 -36.55
CA ARG A 23 -0.91 0.07 -37.47
C ARG A 23 -1.68 1.39 -37.52
N SER A 24 -3.00 1.34 -37.34
CA SER A 24 -3.91 2.52 -37.30
C SER A 24 -3.53 3.48 -36.17
N GLN A 25 -2.91 2.98 -35.09
CA GLN A 25 -2.59 3.80 -33.88
C GLN A 25 -1.20 4.43 -34.02
N LEU A 26 -0.37 3.96 -34.96
CA LEU A 26 1.09 4.26 -34.96
C LEU A 26 1.36 5.73 -35.26
N PRO A 27 0.62 6.40 -36.19
CA PRO A 27 0.78 7.84 -36.37
C PRO A 27 0.63 8.62 -35.05
N ARG A 28 -0.44 8.36 -34.29
CA ARG A 28 -0.70 9.04 -32.99
C ARG A 28 0.42 8.69 -32.00
N VAL A 29 0.82 7.42 -31.94
CA VAL A 29 1.85 6.90 -30.98
C VAL A 29 3.20 7.54 -31.31
N LEU A 30 3.57 7.61 -32.59
CA LEU A 30 4.88 8.17 -33.03
C LEU A 30 4.93 9.69 -32.75
N ALA A 31 3.80 10.38 -32.94
CA ALA A 31 3.65 11.84 -32.69
C ALA A 31 3.79 12.12 -31.20
N GLN A 32 3.18 11.29 -30.35
CA GLN A 32 3.21 11.45 -28.86
C GLN A 32 4.64 11.22 -28.36
N ALA A 33 5.32 10.19 -28.86
CA ALA A 33 6.69 9.83 -28.44
C ALA A 33 7.64 11.01 -28.70
N LEU A 34 7.51 11.71 -29.82
CA LEU A 34 8.41 12.85 -30.18
C LEU A 34 8.24 14.03 -29.21
N ARG A 35 7.16 14.08 -28.41
CA ARG A 35 6.88 15.20 -27.47
C ARG A 35 7.76 15.09 -26.22
N SER A 36 8.36 13.92 -25.95
CA SER A 36 9.21 13.67 -24.75
C SER A 36 10.64 14.12 -25.03
N PRO A 37 11.34 14.70 -24.02
CA PRO A 37 12.74 15.09 -24.19
C PRO A 37 13.63 14.00 -24.81
N PHE A 38 13.46 12.73 -24.42
CA PHE A 38 14.32 11.60 -24.86
C PHE A 38 14.22 11.40 -26.38
N TYR A 39 13.00 11.28 -26.92
CA TYR A 39 12.75 10.98 -28.36
C TYR A 39 12.98 12.25 -29.20
N ALA A 40 12.68 13.44 -28.67
CA ALA A 40 12.98 14.74 -29.33
C ALA A 40 14.50 14.89 -29.50
N ALA A 41 15.29 14.46 -28.51
CA ALA A 41 16.78 14.46 -28.56
C ALA A 41 17.25 13.42 -29.58
N ARG A 42 16.72 12.20 -29.50
CA ARG A 42 17.07 11.05 -30.37
C ARG A 42 16.91 11.41 -31.86
N TYR A 43 15.86 12.15 -32.23
CA TYR A 43 15.51 12.47 -33.64
C TYR A 43 15.79 13.95 -33.97
N ARG A 44 16.65 14.59 -33.16
CA ARG A 44 17.05 16.01 -33.37
C ARG A 44 17.95 16.09 -34.60
N GLY A 45 17.68 17.05 -35.49
CA GLY A 45 18.47 17.26 -36.73
C GLY A 45 18.17 16.23 -37.80
N THR A 46 17.28 15.28 -37.52
CA THR A 46 16.72 14.30 -38.49
C THR A 46 15.23 14.61 -38.68
N THR A 47 14.61 14.04 -39.70
CA THR A 47 13.13 13.93 -39.83
C THR A 47 12.69 12.67 -39.08
N PRO A 48 11.75 12.78 -38.13
CA PRO A 48 11.38 11.63 -37.30
C PRO A 48 10.47 10.63 -38.00
N PRO A 49 10.20 9.44 -37.41
CA PRO A 49 9.19 8.53 -37.93
C PRO A 49 7.77 9.09 -37.69
N ARG A 50 6.87 8.98 -38.67
CA ARG A 50 5.50 9.54 -38.62
C ARG A 50 4.43 8.51 -39.00
N THR A 51 4.76 7.54 -39.86
CA THR A 51 3.80 6.58 -40.47
C THR A 51 4.05 5.17 -39.92
N ALA A 52 3.05 4.29 -40.05
CA ALA A 52 3.14 2.85 -39.71
C ALA A 52 4.35 2.20 -40.40
N ASP A 53 4.65 2.58 -41.65
CA ASP A 53 5.75 2.01 -42.45
C ASP A 53 7.10 2.45 -41.86
N ASP A 54 7.21 3.70 -41.38
CA ASP A 54 8.42 4.27 -40.72
C ASP A 54 8.76 3.51 -39.44
N PHE A 55 7.78 2.85 -38.80
CA PHE A 55 7.95 2.16 -37.49
C PHE A 55 8.93 0.99 -37.64
N ALA A 56 9.03 0.37 -38.81
CA ALA A 56 9.91 -0.79 -39.07
C ALA A 56 11.37 -0.39 -38.83
N GLY A 57 11.72 0.88 -39.01
CA GLY A 57 13.10 1.41 -38.89
C GLY A 57 13.41 2.00 -37.52
N VAL A 58 12.45 2.01 -36.58
CA VAL A 58 12.58 2.70 -35.26
C VAL A 58 13.56 1.93 -34.37
N GLU A 59 14.52 2.68 -33.81
CA GLU A 59 15.61 2.20 -32.92
C GLU A 59 15.01 1.71 -31.59
N VAL A 60 15.54 0.61 -31.06
CA VAL A 60 15.08 0.01 -29.77
C VAL A 60 15.37 0.99 -28.62
N THR A 61 14.48 1.01 -27.61
CA THR A 61 14.65 1.75 -26.33
C THR A 61 15.07 0.74 -25.25
N ALA A 62 16.23 0.96 -24.63
CA ALA A 62 16.82 0.06 -23.63
C ALA A 62 16.42 0.53 -22.21
N LYS A 63 16.34 -0.41 -21.27
CA LYS A 63 16.17 -0.11 -19.83
C LYS A 63 17.12 1.01 -19.40
N GLN A 64 18.38 0.94 -19.84
CA GLN A 64 19.45 1.89 -19.45
C GLN A 64 19.05 3.30 -19.90
N ASP A 65 18.34 3.42 -21.03
CA ASP A 65 17.83 4.73 -21.53
C ASP A 65 16.85 5.29 -20.51
N LEU A 66 15.92 4.48 -20.00
CA LEU A 66 14.91 4.89 -18.98
C LEU A 66 15.60 5.29 -17.68
N ARG A 67 16.66 4.60 -17.27
CA ARG A 67 17.41 4.94 -16.04
C ARG A 67 18.16 6.27 -16.25
N ASP A 68 18.79 6.45 -17.42
CA ASP A 68 19.54 7.69 -17.77
C ASP A 68 18.60 8.90 -17.78
N GLN A 69 17.30 8.68 -18.02
CA GLN A 69 16.29 9.75 -18.22
C GLN A 69 15.54 10.03 -16.92
N TYR A 70 15.88 9.33 -15.83
CA TYR A 70 15.27 9.55 -14.50
C TYR A 70 15.43 11.01 -14.09
N PRO A 71 14.37 11.71 -13.59
CA PRO A 71 13.03 11.16 -13.44
C PRO A 71 12.03 11.31 -14.60
N PHE A 72 12.05 12.42 -15.34
CA PHE A 72 10.96 12.78 -16.31
C PHE A 72 11.50 13.03 -17.73
N GLY A 73 12.59 12.38 -18.11
CA GLY A 73 13.14 12.44 -19.48
C GLY A 73 12.22 11.80 -20.51
N MET A 74 11.36 10.87 -20.09
CA MET A 74 10.42 10.13 -20.99
C MET A 74 9.02 10.78 -20.98
N LEU A 75 8.87 11.96 -20.37
CA LEU A 75 7.54 12.58 -20.13
C LEU A 75 7.09 13.38 -21.36
N ALA A 76 5.87 13.13 -21.86
CA ALA A 76 5.36 13.70 -23.12
C ALA A 76 4.16 14.61 -22.88
N VAL A 77 3.74 14.80 -21.63
CA VAL A 77 2.59 15.67 -21.24
C VAL A 77 3.06 16.54 -20.06
N GLY A 78 2.37 17.67 -19.84
CA GLY A 78 2.54 18.48 -18.62
C GLY A 78 2.31 17.63 -17.37
N ARG A 79 3.07 17.89 -16.31
CA ARG A 79 2.98 17.12 -15.04
C ARG A 79 1.57 17.26 -14.46
N GLU A 80 0.85 18.34 -14.78
CA GLU A 80 -0.54 18.56 -14.29
C GLU A 80 -1.44 17.39 -14.72
N HIS A 81 -1.14 16.71 -15.83
CA HIS A 81 -1.98 15.60 -16.37
C HIS A 81 -1.64 14.23 -15.74
N LEU A 82 -0.55 14.09 -14.98
CA LEU A 82 -0.18 12.77 -14.39
C LEU A 82 -1.16 12.42 -13.26
N ALA A 83 -1.55 11.15 -13.15
CA ALA A 83 -2.40 10.64 -12.05
C ALA A 83 -1.50 10.01 -10.97
N THR A 84 -0.59 9.11 -11.35
CA THR A 84 0.31 8.42 -10.39
C THR A 84 1.71 8.30 -10.98
N TYR A 85 2.69 8.16 -10.09
CA TYR A 85 4.12 7.96 -10.38
C TYR A 85 4.55 6.68 -9.69
N HIS A 86 5.40 5.89 -10.33
CA HIS A 86 5.83 4.56 -9.83
C HIS A 86 7.30 4.37 -10.15
N GLU A 87 7.96 3.48 -9.41
CA GLU A 87 9.33 3.03 -9.75
C GLU A 87 9.33 1.51 -9.78
N SER A 88 10.26 0.95 -10.55
CA SER A 88 10.41 -0.51 -10.74
C SER A 88 10.98 -1.16 -9.49
N SER A 89 10.75 -2.46 -9.33
CA SER A 89 11.50 -3.34 -8.41
C SER A 89 12.94 -3.46 -8.93
N GLY A 90 13.80 -4.21 -8.23
CA GLY A 90 15.23 -4.34 -8.57
C GLY A 90 16.10 -3.30 -7.86
N THR A 91 17.18 -2.84 -8.51
CA THR A 91 18.25 -2.00 -7.90
C THR A 91 17.64 -0.68 -7.43
N ALA A 92 17.86 -0.31 -6.16
CA ALA A 92 17.39 0.96 -5.57
C ALA A 92 18.31 2.11 -6.01
N GLY A 93 19.59 1.80 -6.31
CA GLY A 93 20.63 2.79 -6.64
C GLY A 93 20.39 3.50 -7.97
N GLU A 94 19.73 2.83 -8.91
CA GLU A 94 19.51 3.35 -10.29
C GLU A 94 18.02 3.20 -10.62
N PRO A 95 17.15 4.09 -10.09
CA PRO A 95 15.71 3.96 -10.23
C PRO A 95 15.19 4.11 -11.68
N THR A 96 14.11 3.39 -11.98
CA THR A 96 13.37 3.50 -13.26
C THR A 96 11.98 4.03 -12.92
N ALA A 97 11.65 5.21 -13.43
CA ALA A 97 10.38 5.91 -13.18
C ALA A 97 9.37 5.54 -14.28
N SER A 98 8.12 5.33 -13.89
CA SER A 98 6.99 5.23 -14.84
C SER A 98 5.85 6.07 -14.28
N TYR A 99 5.00 6.58 -15.15
CA TYR A 99 3.92 7.53 -14.75
C TYR A 99 2.83 7.48 -15.80
N TYR A 100 1.61 7.79 -15.37
CA TYR A 100 0.35 7.47 -16.09
C TYR A 100 -0.67 8.57 -15.82
N THR A 101 -1.36 9.02 -16.86
CA THR A 101 -2.55 9.89 -16.79
C THR A 101 -3.74 9.02 -16.37
N GLU A 102 -4.88 9.63 -16.02
CA GLU A 102 -6.13 8.90 -15.69
C GLU A 102 -6.51 7.99 -16.87
N GLU A 103 -6.42 8.51 -18.10
CA GLU A 103 -6.83 7.75 -19.31
C GLU A 103 -5.86 6.59 -19.54
N ASP A 104 -4.55 6.81 -19.35
CA ASP A 104 -3.54 5.72 -19.42
C ASP A 104 -3.95 4.60 -18.45
N TRP A 105 -4.42 4.97 -17.24
CA TRP A 105 -4.83 4.01 -16.18
C TRP A 105 -6.02 3.15 -16.59
N THR A 106 -6.93 3.66 -17.42
CA THR A 106 -8.09 2.86 -17.85
C THR A 106 -7.56 1.68 -18.70
N ASP A 107 -6.60 1.92 -19.60
CA ASP A 107 -5.95 0.87 -20.41
C ASP A 107 -5.27 -0.14 -19.47
N LEU A 108 -4.48 0.33 -18.50
CA LEU A 108 -3.77 -0.56 -17.54
C LEU A 108 -4.80 -1.49 -16.88
N ALA A 109 -5.84 -0.91 -16.30
CA ALA A 109 -6.86 -1.64 -15.50
C ALA A 109 -7.58 -2.66 -16.37
N GLU A 110 -7.93 -2.30 -17.61
CA GLU A 110 -8.60 -3.21 -18.57
C GLU A 110 -7.74 -4.45 -18.83
N ARG A 111 -6.44 -4.25 -19.06
CA ARG A 111 -5.53 -5.35 -19.44
C ARG A 111 -5.38 -6.30 -18.26
N PHE A 112 -5.24 -5.79 -17.04
CA PHE A 112 -5.16 -6.65 -15.84
C PHE A 112 -6.47 -7.44 -15.71
N ALA A 113 -7.60 -6.79 -15.94
CA ALA A 113 -8.93 -7.38 -15.71
C ALA A 113 -9.26 -8.49 -16.73
N ARG A 114 -8.41 -8.70 -17.74
CA ARG A 114 -8.56 -9.83 -18.71
C ARG A 114 -8.10 -11.11 -18.01
N LYS A 115 -8.89 -11.53 -17.03
CA LYS A 115 -8.71 -12.78 -16.25
C LYS A 115 -9.78 -13.75 -16.73
N TRP A 116 -9.39 -14.88 -17.32
CA TRP A 116 -10.34 -15.81 -17.99
C TRP A 116 -11.39 -16.31 -17.00
N THR A 117 -11.07 -16.32 -15.69
CA THR A 117 -12.02 -16.72 -14.61
C THR A 117 -13.02 -15.60 -14.33
N GLY A 118 -12.77 -14.40 -14.85
CA GLY A 118 -13.58 -13.19 -14.59
C GLY A 118 -13.20 -12.53 -13.27
N ILE A 119 -13.54 -11.24 -13.17
CA ILE A 119 -13.57 -10.45 -11.90
C ILE A 119 -14.96 -9.79 -11.84
N HIS A 120 -15.74 -10.11 -10.80
CA HIS A 120 -17.17 -9.76 -10.68
C HIS A 120 -17.44 -9.02 -9.38
N PRO A 121 -18.56 -8.27 -9.29
CA PRO A 121 -19.00 -7.69 -8.03
C PRO A 121 -19.18 -8.73 -6.90
N SER A 122 -19.50 -9.98 -7.23
CA SER A 122 -19.65 -11.09 -6.24
C SER A 122 -18.29 -11.46 -5.62
N ASP A 123 -17.17 -10.96 -6.16
CA ASP A 123 -15.81 -11.34 -5.70
C ASP A 123 -15.35 -10.46 -4.52
N THR A 124 -14.62 -11.09 -3.60
CA THR A 124 -13.79 -10.43 -2.56
C THR A 124 -12.34 -10.72 -2.94
N PHE A 125 -11.59 -9.68 -3.28
CA PHE A 125 -10.26 -9.74 -3.95
C PHE A 125 -9.18 -9.28 -2.99
N LEU A 126 -8.34 -10.22 -2.53
CA LEU A 126 -7.20 -9.89 -1.64
C LEU A 126 -6.02 -9.54 -2.54
N VAL A 127 -5.61 -8.29 -2.49
CA VAL A 127 -4.44 -7.76 -3.23
C VAL A 127 -3.22 -7.89 -2.30
N ARG A 128 -2.34 -8.85 -2.60
CA ARG A 128 -1.18 -9.22 -1.73
C ARG A 128 0.11 -9.03 -2.54
N THR A 129 0.25 -7.86 -3.16
CA THR A 129 1.51 -7.36 -3.78
C THR A 129 1.78 -5.97 -3.23
N PRO A 130 2.99 -5.41 -3.38
CA PRO A 130 3.30 -4.12 -2.74
C PRO A 130 2.59 -2.90 -3.35
N TYR A 131 2.34 -1.90 -2.50
CA TYR A 131 1.84 -0.56 -2.90
C TYR A 131 2.94 0.51 -2.78
N GLY A 132 4.13 0.12 -2.31
CA GLY A 132 5.25 1.05 -2.07
C GLY A 132 6.01 1.33 -3.35
N LEU A 133 5.69 2.45 -3.99
CA LEU A 133 6.24 2.93 -5.28
C LEU A 133 5.90 1.97 -6.43
N VAL A 134 6.00 0.65 -6.23
CA VAL A 134 5.75 -0.33 -7.33
C VAL A 134 4.28 -0.27 -7.72
N ILE A 135 3.98 -0.62 -8.97
CA ILE A 135 2.62 -0.41 -9.54
C ILE A 135 1.67 -1.57 -9.18
N THR A 136 2.24 -2.73 -8.81
N THR A 136 2.21 -2.74 -8.81
CA THR A 136 1.56 -4.04 -8.76
CA THR A 136 1.43 -4.02 -8.86
C THR A 136 0.26 -3.97 -7.95
C THR A 136 0.22 -3.97 -7.95
N GLY A 137 0.34 -3.50 -6.69
CA GLY A 137 -0.81 -3.39 -5.79
C GLY A 137 -1.87 -2.44 -6.34
N HIS A 138 -1.45 -1.30 -6.85
CA HIS A 138 -2.30 -0.23 -7.40
C HIS A 138 -3.03 -0.77 -8.63
N LEU A 139 -2.35 -1.58 -9.43
CA LEU A 139 -2.90 -2.11 -10.71
C LEU A 139 -4.04 -3.08 -10.39
N ALA A 140 -3.84 -4.03 -9.47
CA ALA A 140 -4.86 -5.04 -9.08
C ALA A 140 -6.05 -4.31 -8.43
N GLN A 141 -5.78 -3.35 -7.55
CA GLN A 141 -6.85 -2.55 -6.91
C GLN A 141 -7.68 -1.84 -7.99
N ALA A 142 -7.04 -1.19 -8.94
CA ALA A 142 -7.73 -0.43 -10.03
C ALA A 142 -8.61 -1.37 -10.86
N ALA A 143 -8.13 -2.59 -11.18
CA ALA A 143 -8.91 -3.58 -11.94
C ALA A 143 -10.09 -4.08 -11.09
N GLY A 144 -9.87 -4.33 -9.79
CA GLY A 144 -10.94 -4.71 -8.87
C GLY A 144 -12.04 -3.67 -8.81
N ARG A 145 -11.67 -2.39 -8.76
CA ARG A 145 -12.61 -1.25 -8.69
C ARG A 145 -13.35 -1.18 -10.04
N LEU A 146 -12.63 -1.31 -11.15
CA LEU A 146 -13.22 -1.24 -12.51
C LEU A 146 -14.34 -2.29 -12.61
N ARG A 147 -14.13 -3.48 -12.07
CA ARG A 147 -15.02 -4.66 -12.25
C ARG A 147 -15.99 -4.81 -11.07
N GLY A 148 -15.86 -3.98 -10.03
CA GLY A 148 -16.81 -3.90 -8.88
C GLY A 148 -16.51 -4.91 -7.78
N ALA A 149 -15.39 -5.60 -7.80
CA ALA A 149 -15.02 -6.58 -6.75
C ALA A 149 -14.68 -5.79 -5.48
N THR A 150 -15.03 -6.29 -4.29
CA THR A 150 -14.57 -5.74 -2.99
C THR A 150 -13.05 -5.96 -2.90
N VAL A 151 -12.25 -4.87 -2.94
CA VAL A 151 -10.77 -4.94 -2.80
C VAL A 151 -10.42 -4.94 -1.31
N VAL A 152 -9.68 -5.97 -0.89
CA VAL A 152 -9.01 -6.05 0.44
C VAL A 152 -7.53 -5.77 0.19
N PRO A 153 -7.03 -4.59 0.57
CA PRO A 153 -5.63 -4.23 0.32
C PRO A 153 -4.70 -4.87 1.33
N GLY A 154 -4.20 -6.06 0.99
CA GLY A 154 -3.24 -6.81 1.82
C GLY A 154 -1.87 -6.17 1.83
N ASP A 155 -1.46 -5.55 0.72
CA ASP A 155 -0.10 -5.00 0.55
C ASP A 155 0.84 -6.21 0.68
N ALA A 156 2.12 -6.01 0.51
CA ALA A 156 3.13 -7.08 0.69
C ALA A 156 4.40 -6.37 1.08
N ARG A 157 5.19 -6.99 1.96
CA ARG A 157 6.46 -6.41 2.49
C ARG A 157 6.14 -5.30 3.49
N SER A 158 4.89 -5.20 3.92
CA SER A 158 4.44 -4.24 4.94
C SER A 158 4.44 -4.94 6.30
N LEU A 159 4.93 -4.26 7.34
CA LEU A 159 4.87 -4.78 8.72
C LEU A 159 3.42 -4.83 9.22
N ALA A 160 2.50 -4.10 8.59
CA ALA A 160 1.08 -4.06 9.00
C ALA A 160 0.36 -5.38 8.66
N THR A 161 0.84 -6.13 7.65
CA THR A 161 0.09 -7.25 7.06
C THR A 161 0.97 -8.48 6.93
N PRO A 162 1.34 -9.09 8.06
CA PRO A 162 2.05 -10.36 8.06
C PRO A 162 1.13 -11.49 7.56
N LEU A 163 1.76 -12.61 7.23
CA LEU A 163 1.06 -13.77 6.63
C LEU A 163 -0.06 -14.23 7.54
N SER A 164 0.16 -14.29 8.86
CA SER A 164 -0.84 -14.82 9.81
C SER A 164 -2.15 -14.01 9.70
N ARG A 165 -2.03 -12.71 9.54
CA ARG A 165 -3.21 -11.80 9.37
C ARG A 165 -3.88 -12.06 8.01
N MET A 166 -3.09 -12.24 6.96
CA MET A 166 -3.60 -12.50 5.57
C MET A 166 -4.37 -13.83 5.54
N VAL A 167 -3.90 -14.86 6.26
CA VAL A 167 -4.61 -16.18 6.32
C VAL A 167 -5.95 -16.00 7.05
N ARG A 168 -5.96 -15.26 8.15
CA ARG A 168 -7.19 -14.95 8.94
C ARG A 168 -8.20 -14.22 8.04
N VAL A 169 -7.76 -13.25 7.26
CA VAL A 169 -8.60 -12.47 6.30
C VAL A 169 -9.14 -13.42 5.20
N LEU A 170 -8.28 -14.24 4.60
N LEU A 170 -8.28 -14.23 4.59
CA LEU A 170 -8.68 -15.22 3.54
CA LEU A 170 -8.65 -15.22 3.54
C LEU A 170 -9.87 -16.02 4.03
C LEU A 170 -9.86 -16.04 4.02
N LYS A 171 -9.83 -16.51 5.27
CA LYS A 171 -10.85 -17.40 5.85
C LYS A 171 -12.09 -16.62 6.31
N THR A 172 -11.90 -15.57 7.13
N THR A 172 -11.90 -15.57 7.14
CA THR A 172 -13.04 -14.88 7.80
CA THR A 172 -13.01 -14.82 7.80
C THR A 172 -13.82 -14.01 6.80
C THR A 172 -13.83 -14.01 6.78
N LEU A 173 -13.18 -13.47 5.75
CA LEU A 173 -13.87 -12.61 4.73
C LEU A 173 -14.38 -13.44 3.55
N ASP A 174 -14.19 -14.77 3.56
CA ASP A 174 -14.61 -15.64 2.42
C ASP A 174 -14.04 -15.07 1.13
N VAL A 175 -12.73 -14.76 1.10
CA VAL A 175 -12.04 -14.20 -0.09
C VAL A 175 -12.24 -15.17 -1.26
N THR A 176 -12.51 -14.64 -2.45
CA THR A 176 -12.78 -15.47 -3.65
C THR A 176 -11.60 -15.41 -4.61
N LEU A 177 -10.84 -14.32 -4.60
CA LEU A 177 -9.70 -14.11 -5.52
C LEU A 177 -8.50 -13.57 -4.74
N THR A 178 -7.31 -14.01 -5.10
CA THR A 178 -6.04 -13.46 -4.58
C THR A 178 -5.18 -12.97 -5.73
N TRP A 179 -4.29 -12.04 -5.46
CA TRP A 179 -3.22 -11.56 -6.34
C TRP A 179 -1.93 -11.49 -5.54
N CYS A 180 -0.95 -12.31 -5.94
CA CYS A 180 0.37 -12.37 -5.26
C CYS A 180 1.29 -13.20 -6.14
N ASN A 181 2.60 -13.09 -5.91
CA ASN A 181 3.59 -13.85 -6.70
C ASN A 181 3.50 -15.33 -6.31
N PRO A 182 4.07 -16.25 -7.12
CA PRO A 182 3.94 -17.68 -6.88
C PRO A 182 4.57 -18.16 -5.58
N THR A 183 5.68 -17.54 -5.17
CA THR A 183 6.32 -17.87 -3.86
C THR A 183 5.35 -17.51 -2.74
N GLU A 184 4.66 -16.37 -2.88
CA GLU A 184 3.68 -15.93 -1.86
C GLU A 184 2.50 -16.92 -1.81
N ILE A 185 2.11 -17.56 -2.92
CA ILE A 185 1.05 -18.61 -2.88
C ILE A 185 1.48 -19.76 -1.93
N THR A 186 2.74 -20.19 -1.99
CA THR A 186 3.25 -21.27 -1.10
C THR A 186 3.41 -20.75 0.34
N MET A 187 3.89 -19.52 0.51
N MET A 187 3.88 -19.52 0.50
CA MET A 187 4.01 -18.89 1.85
CA MET A 187 4.00 -18.90 1.85
C MET A 187 2.61 -18.85 2.51
C MET A 187 2.61 -18.85 2.51
N LEU A 188 1.58 -18.43 1.78
CA LEU A 188 0.19 -18.38 2.34
C LEU A 188 -0.27 -19.81 2.69
N ALA A 189 0.06 -20.83 1.89
CA ALA A 189 -0.32 -22.22 2.20
C ALA A 189 0.35 -22.67 3.52
N ALA A 190 1.62 -22.37 3.68
CA ALA A 190 2.41 -22.76 4.88
C ALA A 190 1.84 -22.03 6.10
N ALA A 191 1.49 -20.75 5.93
CA ALA A 191 0.92 -19.93 7.03
C ALA A 191 -0.48 -20.43 7.38
N ALA A 192 -1.26 -20.89 6.39
CA ALA A 192 -2.60 -21.48 6.60
C ALA A 192 -2.48 -22.70 7.51
N LYS A 193 -1.58 -23.63 7.21
CA LYS A 193 -1.38 -24.85 8.03
C LYS A 193 -0.98 -24.44 9.46
N ALA A 194 -0.09 -23.47 9.61
CA ALA A 194 0.35 -22.94 10.93
C ALA A 194 -0.81 -22.29 11.70
N ALA A 195 -1.86 -21.81 11.03
CA ALA A 195 -3.07 -21.22 11.65
C ALA A 195 -4.14 -22.30 11.86
N GLY A 196 -3.87 -23.55 11.51
CA GLY A 196 -4.80 -24.66 11.74
C GLY A 196 -5.81 -24.82 10.61
N LEU A 197 -5.47 -24.34 9.41
CA LEU A 197 -6.38 -24.38 8.22
C LEU A 197 -5.72 -25.19 7.11
N ARG A 198 -6.46 -26.10 6.48
CA ARG A 198 -5.98 -26.92 5.33
C ARG A 198 -6.25 -26.14 4.04
N PRO A 199 -5.21 -25.70 3.30
CA PRO A 199 -5.41 -24.98 2.03
C PRO A 199 -6.26 -25.74 1.01
N ASP A 200 -6.22 -27.07 1.01
CA ASP A 200 -6.93 -27.88 -0.03
C ASP A 200 -8.41 -28.08 0.33
N GLN A 201 -8.89 -27.66 1.51
CA GLN A 201 -10.29 -27.92 1.96
C GLN A 201 -10.94 -26.73 2.68
N ASP A 202 -10.19 -25.89 3.40
CA ASP A 202 -10.79 -25.00 4.43
C ASP A 202 -11.06 -23.58 3.89
N PHE A 203 -10.91 -23.34 2.59
CA PHE A 203 -11.17 -22.04 1.93
C PHE A 203 -12.17 -22.26 0.79
N PRO A 204 -13.39 -22.76 1.10
CA PRO A 204 -14.33 -23.19 0.06
C PRO A 204 -14.75 -22.07 -0.91
N HIS A 205 -14.63 -20.80 -0.50
CA HIS A 205 -15.06 -19.62 -1.32
C HIS A 205 -13.93 -19.16 -2.24
N LEU A 206 -12.70 -19.61 -1.99
CA LEU A 206 -11.55 -19.22 -2.84
C LEU A 206 -11.69 -19.95 -4.18
N ARG A 207 -11.81 -19.21 -5.28
CA ARG A 207 -12.17 -19.78 -6.60
C ARG A 207 -11.04 -19.61 -7.62
N ALA A 208 -10.10 -18.68 -7.41
CA ALA A 208 -8.95 -18.46 -8.32
C ALA A 208 -7.84 -17.69 -7.63
N MET A 209 -6.60 -17.97 -8.02
CA MET A 209 -5.39 -17.26 -7.53
C MET A 209 -4.67 -16.65 -8.74
N PHE A 210 -4.62 -15.32 -8.80
CA PHE A 210 -3.93 -14.60 -9.88
C PHE A 210 -2.47 -14.45 -9.46
N THR A 211 -1.57 -14.61 -10.41
CA THR A 211 -0.12 -14.59 -10.12
C THR A 211 0.70 -14.05 -11.29
N ALA A 212 1.89 -13.57 -10.97
CA ALA A 212 2.85 -12.99 -11.92
C ALA A 212 4.17 -12.76 -11.19
N ALA A 213 5.13 -12.16 -11.86
CA ALA A 213 6.34 -11.50 -11.30
C ALA A 213 7.48 -12.50 -11.08
N GLU A 214 7.31 -13.77 -11.43
CA GLU A 214 8.46 -14.71 -11.54
C GLU A 214 8.22 -15.77 -12.61
N PRO A 215 9.32 -16.27 -13.21
CA PRO A 215 9.25 -17.39 -14.15
C PRO A 215 8.54 -18.55 -13.47
N LEU A 216 7.50 -19.08 -14.10
CA LEU A 216 6.61 -20.10 -13.48
C LEU A 216 6.42 -21.25 -14.46
N THR A 217 6.96 -22.42 -14.16
CA THR A 217 6.77 -23.65 -14.98
C THR A 217 5.35 -24.16 -14.79
N GLU A 218 4.80 -24.84 -15.77
CA GLU A 218 3.44 -25.45 -15.66
C GLU A 218 3.44 -26.51 -14.55
N VAL A 219 4.54 -27.22 -14.33
CA VAL A 219 4.62 -28.27 -13.26
C VAL A 219 4.42 -27.59 -11.90
N ARG A 220 5.10 -26.48 -11.67
CA ARG A 220 4.94 -25.72 -10.40
C ARG A 220 3.53 -25.12 -10.30
N ARG A 221 3.04 -24.52 -11.39
CA ARG A 221 1.71 -23.87 -11.39
C ARG A 221 0.64 -24.92 -11.01
N ARG A 222 0.71 -26.12 -11.60
CA ARG A 222 -0.26 -27.22 -11.31
C ARG A 222 -0.14 -27.64 -9.85
N ARG A 223 1.07 -27.69 -9.29
CA ARG A 223 1.24 -28.02 -7.84
C ARG A 223 0.61 -26.93 -6.94
N LEU A 224 0.84 -25.65 -7.24
CA LEU A 224 0.23 -24.51 -6.47
C LEU A 224 -1.29 -24.67 -6.50
N SER A 225 -1.86 -25.00 -7.66
CA SER A 225 -3.31 -25.31 -7.82
C SER A 225 -3.72 -26.44 -6.87
N GLU A 226 -3.00 -27.57 -6.87
CA GLU A 226 -3.31 -28.78 -6.07
C GLU A 226 -3.18 -28.48 -4.57
N ILE A 227 -2.19 -27.69 -4.17
CA ILE A 227 -2.05 -27.30 -2.73
C ILE A 227 -3.34 -26.60 -2.28
N TRP A 228 -3.91 -25.76 -3.14
CA TRP A 228 -5.12 -24.96 -2.82
C TRP A 228 -6.40 -25.65 -3.34
N GLY A 229 -6.42 -26.97 -3.43
CA GLY A 229 -7.67 -27.74 -3.66
C GLY A 229 -8.06 -27.80 -5.12
N GLY A 230 -7.13 -27.53 -6.05
CA GLY A 230 -7.32 -27.74 -7.50
C GLY A 230 -7.94 -26.54 -8.19
N ILE A 231 -8.00 -25.39 -7.53
CA ILE A 231 -8.57 -24.14 -8.12
C ILE A 231 -7.59 -23.58 -9.13
N PRO A 232 -8.06 -22.80 -10.13
CA PRO A 232 -7.19 -22.22 -11.14
C PRO A 232 -6.15 -21.24 -10.56
N VAL A 233 -4.91 -21.39 -11.00
CA VAL A 233 -3.83 -20.39 -10.79
C VAL A 233 -3.62 -19.68 -12.13
N VAL A 234 -4.03 -18.42 -12.20
CA VAL A 234 -4.16 -17.64 -13.46
C VAL A 234 -2.98 -16.67 -13.53
N GLU A 235 -2.06 -16.95 -14.46
CA GLU A 235 -0.80 -16.20 -14.62
C GLU A 235 -1.03 -15.01 -15.54
N GLU A 236 -0.33 -13.92 -15.25
CA GLU A 236 -0.13 -12.83 -16.24
C GLU A 236 1.35 -12.46 -16.21
N TYR A 237 1.74 -11.64 -17.19
CA TYR A 237 3.10 -11.16 -17.46
C TYR A 237 2.99 -9.66 -17.67
N GLY A 238 3.77 -8.87 -16.93
CA GLY A 238 3.75 -7.40 -17.00
C GLY A 238 5.05 -6.78 -16.53
N SER A 239 5.13 -5.45 -16.61
CA SER A 239 6.21 -4.62 -16.03
C SER A 239 5.62 -3.28 -15.59
N THR A 240 6.34 -2.57 -14.72
CA THR A 240 5.96 -1.21 -14.27
C THR A 240 5.85 -0.26 -15.47
N GLU A 241 6.74 -0.43 -16.45
CA GLU A 241 6.88 0.46 -17.63
C GLU A 241 5.79 0.20 -18.67
N THR A 242 5.19 -1.00 -18.69
CA THR A 242 4.28 -1.45 -19.79
C THR A 242 2.86 -1.75 -19.29
N GLY A 243 2.68 -2.06 -18.00
CA GLY A 243 1.47 -2.74 -17.50
C GLY A 243 1.43 -4.18 -17.95
N THR A 244 0.26 -4.82 -17.85
CA THR A 244 0.05 -6.26 -18.18
C THR A 244 0.16 -6.46 -19.69
N ILE A 245 1.11 -7.27 -20.17
CA ILE A 245 1.30 -7.45 -21.63
C ILE A 245 0.83 -8.85 -22.06
N ALA A 246 0.56 -9.78 -21.14
CA ALA A 246 0.04 -11.12 -21.51
C ALA A 246 -0.75 -11.73 -20.35
N GLY A 247 -1.79 -12.49 -20.68
CA GLY A 247 -2.65 -13.17 -19.69
C GLY A 247 -2.98 -14.58 -20.09
N GLN A 248 -3.18 -15.45 -19.10
CA GLN A 248 -3.51 -16.88 -19.26
C GLN A 248 -4.89 -17.07 -19.92
N CYS A 249 -5.03 -18.04 -20.84
CA CYS A 249 -6.34 -18.54 -21.33
C CYS A 249 -6.76 -19.76 -20.49
N PRO A 250 -8.00 -20.29 -20.62
CA PRO A 250 -8.41 -21.49 -19.88
C PRO A 250 -7.57 -22.75 -20.21
N GLU A 251 -6.82 -22.75 -21.31
CA GLU A 251 -5.92 -23.87 -21.71
C GLU A 251 -4.56 -23.76 -21.00
N GLY A 252 -4.27 -22.63 -20.32
CA GLY A 252 -3.11 -22.50 -19.43
C GLY A 252 -1.92 -21.85 -20.09
N ARG A 253 -2.07 -21.32 -21.31
CA ARG A 253 -1.01 -20.53 -22.03
C ARG A 253 -1.28 -19.03 -21.83
N MET A 254 -0.23 -18.24 -21.74
CA MET A 254 -0.33 -16.76 -21.71
C MET A 254 -0.38 -16.25 -23.16
N HIS A 255 -1.39 -15.44 -23.48
CA HIS A 255 -1.56 -14.76 -24.79
C HIS A 255 -1.16 -13.29 -24.66
N LEU A 256 -0.43 -12.76 -25.65
CA LEU A 256 -0.02 -11.33 -25.67
C LEU A 256 -1.24 -10.46 -25.97
N TRP A 257 -1.38 -9.34 -25.26
CA TRP A 257 -2.50 -8.38 -25.48
C TRP A 257 -2.13 -7.45 -26.63
N ALA A 258 -1.99 -8.02 -27.83
CA ALA A 258 -1.44 -7.36 -29.05
C ALA A 258 -2.38 -6.26 -29.56
N ASP A 259 -3.66 -6.28 -29.19
CA ASP A 259 -4.59 -5.17 -29.54
C ASP A 259 -4.14 -3.88 -28.85
N ARG A 260 -3.45 -3.95 -27.72
CA ARG A 260 -3.08 -2.76 -26.92
C ARG A 260 -1.59 -2.42 -27.02
N ALA A 261 -0.80 -3.24 -27.73
CA ALA A 261 0.66 -3.04 -27.87
C ALA A 261 1.20 -3.90 -29.02
N ILE A 262 2.24 -3.41 -29.70
CA ILE A 262 2.99 -4.16 -30.73
C ILE A 262 4.11 -4.91 -30.02
N PHE A 263 4.14 -6.23 -30.20
CA PHE A 263 5.10 -7.18 -29.58
C PHE A 263 6.05 -7.72 -30.63
N GLU A 264 7.34 -7.66 -30.32
CA GLU A 264 8.45 -8.09 -31.22
C GLU A 264 9.49 -8.83 -30.38
N VAL A 265 10.17 -9.80 -31.00
CA VAL A 265 11.24 -10.62 -30.38
C VAL A 265 12.58 -10.13 -30.95
N TYR A 266 13.49 -9.75 -30.06
CA TYR A 266 14.77 -9.08 -30.38
C TYR A 266 15.90 -10.10 -30.22
N ASP A 267 16.74 -10.24 -31.26
CA ASP A 267 18.00 -11.04 -31.21
C ASP A 267 19.14 -10.10 -30.84
N PRO A 268 19.73 -10.22 -29.63
CA PRO A 268 20.82 -9.33 -29.20
C PRO A 268 22.01 -9.22 -30.17
N ARG A 269 22.39 -10.34 -30.80
CA ARG A 269 23.57 -10.46 -31.70
C ARG A 269 23.36 -9.61 -32.97
N THR A 270 22.34 -9.94 -33.76
CA THR A 270 22.05 -9.33 -35.08
C THR A 270 21.32 -7.99 -34.88
N GLY A 271 20.67 -7.81 -33.73
CA GLY A 271 19.81 -6.64 -33.45
C GLY A 271 18.54 -6.63 -34.29
N THR A 272 18.12 -7.80 -34.76
CA THR A 272 16.94 -8.00 -35.67
C THR A 272 15.69 -8.23 -34.82
N LEU A 273 14.54 -7.73 -35.30
CA LEU A 273 13.21 -7.83 -34.63
C LEU A 273 12.29 -8.70 -35.48
N SER A 274 11.75 -9.78 -34.89
CA SER A 274 10.76 -10.68 -35.53
C SER A 274 9.44 -10.64 -34.74
N GLU A 275 8.34 -11.03 -35.39
CA GLU A 275 6.99 -11.03 -34.76
C GLU A 275 6.82 -12.30 -33.90
N ALA A 276 7.69 -13.30 -34.04
CA ALA A 276 7.65 -14.52 -33.19
C ALA A 276 9.05 -15.12 -33.05
N GLY A 277 9.17 -16.17 -32.22
CA GLY A 277 10.41 -16.93 -31.99
C GLY A 277 10.99 -16.68 -30.61
N ARG A 278 12.28 -17.01 -30.44
CA ARG A 278 13.05 -16.92 -29.17
C ARG A 278 13.89 -15.65 -29.21
N GLY A 279 13.96 -14.92 -28.10
CA GLY A 279 14.71 -13.66 -27.99
C GLY A 279 14.17 -12.78 -26.88
N GLN A 280 14.50 -11.50 -26.91
CA GLN A 280 14.16 -10.53 -25.82
C GLN A 280 12.84 -9.83 -26.17
N MET A 281 11.94 -9.72 -25.19
CA MET A 281 10.58 -9.13 -25.34
C MET A 281 10.68 -7.63 -25.61
N VAL A 282 10.21 -7.16 -26.76
CA VAL A 282 10.15 -5.72 -27.14
C VAL A 282 8.67 -5.32 -27.25
N VAL A 283 8.32 -4.17 -26.68
CA VAL A 283 6.90 -3.72 -26.51
C VAL A 283 6.79 -2.27 -26.95
N THR A 284 5.82 -1.97 -27.81
CA THR A 284 5.35 -0.59 -28.10
C THR A 284 3.90 -0.48 -27.64
N PRO A 285 3.63 0.12 -26.45
CA PRO A 285 2.26 0.36 -26.00
C PRO A 285 1.55 1.35 -26.94
N LEU A 286 0.27 1.13 -27.21
CA LEU A 286 -0.49 1.95 -28.21
C LEU A 286 -1.42 2.96 -27.53
N TYR A 287 -1.77 2.80 -26.26
CA TYR A 287 -2.85 3.60 -25.59
C TYR A 287 -2.32 4.26 -24.31
N ARG A 288 -1.33 5.13 -24.48
CA ARG A 288 -0.76 5.95 -23.39
C ARG A 288 -0.32 7.30 -23.95
N ASP A 289 -0.38 8.32 -23.09
CA ASP A 289 -0.03 9.73 -23.39
C ASP A 289 1.22 10.12 -22.59
N ALA A 290 1.34 9.72 -21.31
CA ALA A 290 2.31 10.33 -20.37
C ALA A 290 3.74 9.89 -20.71
N MET A 291 3.94 8.59 -20.92
CA MET A 291 5.29 8.00 -21.06
C MET A 291 5.34 7.10 -22.29
N PRO A 292 5.36 7.67 -23.51
CA PRO A 292 5.45 6.87 -24.73
C PRO A 292 6.74 6.04 -24.75
N LEU A 293 6.61 4.77 -25.16
CA LEU A 293 7.75 3.86 -25.37
C LEU A 293 7.70 3.31 -26.79
N LEU A 294 8.78 3.53 -27.55
CA LEU A 294 9.01 2.96 -28.90
C LEU A 294 9.95 1.77 -28.78
N ARG A 295 9.43 0.56 -29.01
CA ARG A 295 10.21 -0.70 -29.05
C ARG A 295 11.09 -0.77 -27.79
N TYR A 296 10.43 -0.73 -26.64
CA TYR A 296 11.07 -0.84 -25.30
C TYR A 296 11.42 -2.32 -25.07
N ASN A 297 12.72 -2.59 -24.92
CA ASN A 297 13.27 -3.95 -24.67
C ASN A 297 13.24 -4.23 -23.15
N LEU A 298 12.29 -5.06 -22.71
N LEU A 298 12.29 -5.06 -22.71
CA LEU A 298 12.18 -5.57 -21.31
CA LEU A 298 12.19 -5.56 -21.30
C LEU A 298 13.43 -6.39 -20.96
C LEU A 298 13.43 -6.39 -20.96
N ALA A 299 14.13 -6.89 -21.99
CA ALA A 299 15.32 -7.75 -21.86
C ALA A 299 14.96 -9.07 -21.16
N ASP A 300 13.67 -9.44 -21.12
CA ASP A 300 13.20 -10.76 -20.68
C ASP A 300 13.37 -11.74 -21.85
N ASP A 301 13.97 -12.91 -21.58
CA ASP A 301 14.12 -14.03 -22.54
C ASP A 301 12.75 -14.68 -22.70
N VAL A 302 12.19 -14.68 -23.92
CA VAL A 302 10.80 -15.15 -24.17
C VAL A 302 10.79 -16.02 -25.43
N GLU A 303 9.80 -16.91 -25.51
CA GLU A 303 9.42 -17.68 -26.72
C GLU A 303 8.00 -17.25 -27.13
N VAL A 304 7.85 -16.58 -28.27
CA VAL A 304 6.54 -16.14 -28.83
C VAL A 304 6.17 -17.10 -29.97
N SER A 305 4.94 -17.63 -29.94
CA SER A 305 4.39 -18.55 -30.98
C SER A 305 3.06 -18.00 -31.50
N THR A 306 2.88 -18.06 -32.83
CA THR A 306 1.64 -17.70 -33.55
C THR A 306 0.77 -18.95 -33.75
N ASP A 307 1.18 -20.11 -33.21
CA ASP A 307 0.41 -21.39 -33.34
C ASP A 307 -0.96 -21.24 -32.67
N PRO A 308 -2.06 -21.66 -33.33
CA PRO A 308 -3.39 -21.48 -32.76
C PRO A 308 -3.51 -22.28 -31.45
N CYS A 309 -4.36 -21.81 -30.54
CA CYS A 309 -4.59 -22.40 -29.20
C CYS A 309 -6.04 -22.89 -29.13
N GLY A 310 -6.28 -23.97 -28.36
CA GLY A 310 -7.62 -24.56 -28.13
C GLY A 310 -8.61 -23.58 -27.53
N CYS A 311 -8.14 -22.48 -26.92
CA CYS A 311 -8.99 -21.42 -26.30
C CYS A 311 -9.71 -20.59 -27.36
N GLY A 312 -9.15 -20.51 -28.58
CA GLY A 312 -9.76 -19.82 -29.73
C GLY A 312 -9.51 -18.32 -29.72
N TRP A 313 -8.82 -17.76 -28.74
CA TRP A 313 -8.36 -16.34 -28.78
C TRP A 313 -7.39 -16.18 -29.95
N LEU A 314 -7.57 -15.15 -30.78
CA LEU A 314 -6.73 -14.91 -31.98
C LEU A 314 -5.55 -14.03 -31.57
N LEU A 315 -4.70 -14.57 -30.70
CA LEU A 315 -3.52 -13.87 -30.15
C LEU A 315 -2.37 -14.85 -30.01
N PRO A 316 -1.13 -14.46 -30.36
CA PRO A 316 0.04 -15.30 -30.11
C PRO A 316 0.24 -15.57 -28.61
N THR A 317 0.84 -16.72 -28.28
CA THR A 317 1.15 -17.16 -26.90
C THR A 317 2.59 -16.75 -26.58
N VAL A 318 2.94 -16.71 -25.29
CA VAL A 318 4.33 -16.36 -24.85
C VAL A 318 4.68 -17.19 -23.63
N THR A 319 5.90 -17.73 -23.61
CA THR A 319 6.58 -18.32 -22.43
C THR A 319 7.68 -17.35 -22.00
N VAL A 320 7.77 -17.08 -20.70
CA VAL A 320 8.80 -16.16 -20.12
C VAL A 320 9.82 -17.01 -19.37
N LEU A 321 11.00 -17.21 -19.97
CA LEU A 321 12.18 -17.82 -19.30
C LEU A 321 12.77 -16.79 -18.31
N GLY A 322 13.00 -15.55 -18.77
CA GLY A 322 13.74 -14.52 -18.01
C GLY A 322 15.10 -15.04 -17.56
N ARG A 323 15.44 -14.84 -16.29
CA ARG A 323 16.71 -15.30 -15.66
C ARG A 323 16.68 -16.83 -15.47
N ALA A 324 15.50 -17.38 -15.17
CA ALA A 324 15.25 -18.83 -14.93
C ALA A 324 15.66 -19.69 -16.14
N GLY A 325 15.95 -19.09 -17.30
CA GLY A 325 16.29 -19.79 -18.55
C GLY A 325 17.79 -19.81 -18.84
N THR A 326 18.59 -19.00 -18.13
CA THR A 326 20.05 -18.84 -18.37
C THR A 326 20.83 -20.01 -17.74
N GLY A 327 21.52 -20.78 -18.58
CA GLY A 327 22.23 -22.02 -18.22
C GLY A 327 23.45 -21.77 -17.35
N HIS A 328 23.66 -22.62 -16.34
CA HIS A 328 24.90 -22.79 -15.55
C HIS A 328 25.52 -24.14 -15.93
N ARG A 329 26.72 -24.13 -16.52
CA ARG A 329 27.52 -25.37 -16.75
C ARG A 329 27.95 -25.89 -15.37
N ILE A 330 27.57 -27.12 -15.02
CA ILE A 330 28.02 -27.80 -13.75
C ILE A 330 28.87 -29.01 -14.15
N GLY A 331 28.24 -30.17 -14.36
CA GLY A 331 28.97 -31.41 -14.73
C GLY A 331 29.40 -31.36 -16.20
N PRO A 332 29.05 -32.38 -17.01
CA PRO A 332 29.03 -32.21 -18.46
C PRO A 332 27.87 -31.31 -18.94
N ALA A 333 26.84 -31.07 -18.10
CA ALA A 333 25.50 -30.58 -18.52
C ALA A 333 25.26 -29.13 -18.07
N THR A 334 24.23 -28.52 -18.69
CA THR A 334 23.74 -27.15 -18.43
C THR A 334 22.40 -27.24 -17.68
N VAL A 335 22.33 -26.69 -16.46
CA VAL A 335 21.08 -26.67 -15.65
C VAL A 335 20.52 -25.24 -15.65
N THR A 336 19.20 -25.11 -15.78
CA THR A 336 18.41 -23.85 -15.64
C THR A 336 17.55 -23.96 -14.38
N GLN A 337 17.17 -22.84 -13.77
CA GLN A 337 16.19 -22.83 -12.65
C GLN A 337 14.90 -23.53 -13.13
N GLN A 338 14.48 -23.23 -14.36
CA GLN A 338 13.22 -23.77 -14.96
C GLN A 338 13.28 -25.30 -14.90
N ARG A 339 14.39 -25.90 -15.34
CA ARG A 339 14.48 -27.38 -15.38
C ARG A 339 14.51 -27.93 -13.95
N LEU A 340 15.26 -27.33 -13.01
CA LEU A 340 15.29 -27.83 -11.60
C LEU A 340 13.90 -27.74 -10.99
N GLU A 341 13.21 -26.63 -11.24
CA GLU A 341 11.87 -26.38 -10.67
C GLU A 341 10.94 -27.53 -11.07
N GLU A 342 10.99 -27.96 -12.33
CA GLU A 342 10.14 -29.06 -12.84
C GLU A 342 10.41 -30.35 -12.05
N LEU A 343 11.66 -30.63 -11.73
CA LEU A 343 12.07 -31.86 -10.99
C LEU A 343 11.63 -31.73 -9.53
N VAL A 344 11.88 -30.59 -8.88
CA VAL A 344 11.47 -30.36 -7.46
C VAL A 344 9.95 -30.54 -7.35
N PHE A 345 9.16 -29.94 -8.25
CA PHE A 345 7.68 -29.94 -8.13
C PHE A 345 7.07 -31.16 -8.82
N SER A 346 7.89 -32.10 -9.31
CA SER A 346 7.45 -33.44 -9.75
C SER A 346 7.51 -34.42 -8.58
N LEU A 347 8.11 -34.05 -7.43
CA LEU A 347 8.00 -34.89 -6.22
C LEU A 347 6.52 -34.99 -5.84
N PRO A 348 6.07 -36.14 -5.31
CA PRO A 348 4.69 -36.29 -4.83
C PRO A 348 4.25 -35.17 -3.90
N ALA A 349 3.03 -34.65 -4.10
CA ALA A 349 2.41 -33.58 -3.31
C ALA A 349 2.48 -33.91 -1.82
N ALA A 350 2.32 -35.19 -1.45
CA ALA A 350 2.26 -35.64 -0.04
C ALA A 350 3.58 -35.32 0.69
N TYR A 351 4.71 -35.18 -0.01
CA TYR A 351 6.01 -34.82 0.62
C TYR A 351 6.03 -33.35 1.07
N GLU A 352 5.14 -32.49 0.53
CA GLU A 352 4.98 -31.07 0.95
C GLU A 352 6.29 -30.30 0.73
N VAL A 353 7.03 -30.63 -0.35
CA VAL A 353 8.25 -29.88 -0.75
C VAL A 353 7.81 -28.66 -1.57
N MET A 354 7.98 -27.47 -1.02
CA MET A 354 7.61 -26.18 -1.65
C MET A 354 8.79 -25.20 -1.63
N PHE A 355 9.61 -25.26 -0.58
CA PHE A 355 10.70 -24.29 -0.34
C PHE A 355 12.04 -25.00 -0.59
N TRP A 356 12.82 -24.44 -1.50
CA TRP A 356 14.10 -25.05 -1.93
C TRP A 356 15.03 -23.94 -2.45
N ARG A 357 16.30 -24.26 -2.60
CA ARG A 357 17.27 -23.34 -3.21
C ARG A 357 18.44 -24.18 -3.68
N ALA A 358 19.11 -23.73 -4.74
CA ALA A 358 20.26 -24.45 -5.33
C ALA A 358 21.38 -23.46 -5.62
N LYS A 359 22.60 -23.97 -5.65
CA LYS A 359 23.81 -23.21 -6.00
C LYS A 359 24.57 -24.02 -7.06
N ALA A 360 24.83 -23.37 -8.20
CA ALA A 360 25.66 -23.90 -9.30
C ALA A 360 27.14 -23.69 -8.92
N HIS A 361 27.82 -24.77 -8.55
CA HIS A 361 29.30 -24.79 -8.45
C HIS A 361 29.80 -25.30 -9.79
N PRO A 362 31.07 -25.00 -10.18
CA PRO A 362 31.61 -25.52 -11.44
C PRO A 362 31.49 -27.04 -11.53
N ASP A 363 31.52 -27.74 -10.40
CA ASP A 363 31.71 -29.22 -10.31
C ASP A 363 30.43 -29.93 -9.86
N VAL A 364 29.54 -29.25 -9.09
CA VAL A 364 28.44 -29.96 -8.38
C VAL A 364 27.25 -29.00 -8.20
N LEU A 365 26.03 -29.56 -8.18
CA LEU A 365 24.80 -28.79 -7.88
C LEU A 365 24.48 -28.99 -6.39
N GLU A 366 24.60 -27.92 -5.61
CA GLU A 366 24.18 -27.91 -4.19
C GLU A 366 22.70 -27.52 -4.14
N LEU A 367 21.86 -28.36 -3.54
CA LEU A 367 20.38 -28.11 -3.47
C LEU A 367 19.90 -28.48 -2.07
N GLU A 368 19.14 -27.56 -1.44
CA GLU A 368 18.50 -27.79 -0.13
C GLU A 368 17.00 -27.59 -0.30
N PHE A 369 16.20 -28.33 0.44
CA PHE A 369 14.74 -28.16 0.46
C PHE A 369 14.20 -28.58 1.83
N GLU A 370 13.07 -27.99 2.22
CA GLU A 370 12.33 -28.37 3.44
C GLU A 370 11.41 -29.54 3.12
N ALA A 371 11.40 -30.55 3.98
CA ALA A 371 10.39 -31.61 3.97
C ALA A 371 10.21 -32.04 5.40
N PRO A 372 8.96 -32.25 5.87
CA PRO A 372 8.74 -32.61 7.26
C PRO A 372 9.32 -34.02 7.42
N GLU A 373 9.70 -34.39 8.65
CA GLU A 373 9.76 -35.81 9.05
C GLU A 373 8.36 -36.41 8.85
N PRO A 374 8.20 -37.72 8.55
CA PRO A 374 9.28 -38.61 8.17
C PRO A 374 9.40 -38.98 6.67
N VAL A 375 9.18 -38.02 5.76
CA VAL A 375 9.25 -38.24 4.28
C VAL A 375 10.59 -37.73 3.74
N ARG A 376 11.39 -37.08 4.58
CA ARG A 376 12.60 -36.31 4.16
C ARG A 376 13.57 -37.20 3.37
N GLN A 377 13.84 -38.42 3.81
CA GLN A 377 14.87 -39.31 3.20
C GLN A 377 14.38 -39.85 1.85
N ARG A 378 13.10 -40.20 1.73
CA ARG A 378 12.43 -40.58 0.45
C ARG A 378 12.61 -39.43 -0.56
N ALA A 379 12.33 -38.19 -0.13
CA ALA A 379 12.35 -36.98 -0.97
C ALA A 379 13.78 -36.76 -1.50
N VAL A 380 14.80 -36.84 -0.62
CA VAL A 380 16.23 -36.66 -0.99
C VAL A 380 16.62 -37.68 -2.05
N LYS A 381 16.27 -38.95 -1.84
CA LYS A 381 16.65 -40.06 -2.75
C LYS A 381 15.94 -39.89 -4.10
N GLU A 382 14.64 -39.59 -4.07
CA GLU A 382 13.80 -39.49 -5.29
C GLU A 382 14.24 -38.28 -6.14
N LEU A 383 14.60 -37.17 -5.50
CA LEU A 383 15.03 -35.96 -6.24
C LEU A 383 16.42 -36.23 -6.84
N GLY A 384 17.29 -36.92 -6.10
CA GLY A 384 18.61 -37.38 -6.60
C GLY A 384 18.47 -38.27 -7.83
N ALA A 385 17.53 -39.21 -7.81
CA ALA A 385 17.29 -40.12 -8.96
C ALA A 385 16.82 -39.30 -10.16
N ALA A 386 15.95 -38.30 -9.92
CA ALA A 386 15.37 -37.44 -10.98
C ALA A 386 16.50 -36.63 -11.63
N LEU A 387 17.42 -36.07 -10.85
CA LEU A 387 18.56 -35.27 -11.37
C LEU A 387 19.48 -36.20 -12.17
N ASP A 388 19.78 -37.38 -11.64
CA ASP A 388 20.62 -38.41 -12.32
C ASP A 388 19.98 -38.72 -13.68
N ARG A 389 18.67 -39.00 -13.69
CA ARG A 389 17.92 -39.51 -14.87
C ARG A 389 17.79 -38.40 -15.93
N GLU A 390 17.51 -37.16 -15.51
CA GLU A 390 17.11 -36.07 -16.43
C GLU A 390 18.29 -35.15 -16.77
N LEU A 391 19.24 -34.94 -15.85
CA LEU A 391 20.33 -33.95 -16.04
C LEU A 391 21.71 -34.63 -16.01
N GLY A 392 21.87 -35.71 -15.23
CA GLY A 392 23.16 -36.39 -15.02
C GLY A 392 24.24 -35.44 -14.53
N VAL A 393 23.87 -34.47 -13.69
CA VAL A 393 24.87 -33.54 -13.04
C VAL A 393 25.16 -34.08 -11.65
N PRO A 394 26.42 -33.94 -11.17
CA PRO A 394 26.76 -34.26 -9.78
C PRO A 394 25.95 -33.32 -8.88
N HIS A 395 25.49 -33.83 -7.74
CA HIS A 395 24.61 -33.05 -6.82
C HIS A 395 24.96 -33.42 -5.38
N ARG A 396 24.86 -32.43 -4.47
CA ARG A 396 24.78 -32.65 -3.01
C ARG A 396 23.41 -32.12 -2.58
N ILE A 397 22.45 -33.02 -2.37
CA ILE A 397 21.06 -32.69 -1.94
C ILE A 397 20.95 -32.87 -0.42
N THR A 398 20.48 -31.83 0.28
CA THR A 398 20.19 -31.84 1.73
C THR A 398 18.71 -31.54 1.99
N GLY A 399 17.98 -32.44 2.65
CA GLY A 399 16.65 -32.18 3.21
C GLY A 399 16.77 -31.45 4.54
N LEU A 400 15.94 -30.44 4.76
CA LEU A 400 15.96 -29.58 5.98
C LEU A 400 14.62 -29.68 6.69
N ALA A 401 14.60 -29.48 8.01
CA ALA A 401 13.36 -29.36 8.81
C ALA A 401 12.58 -28.14 8.34
N PRO A 402 11.23 -28.22 8.24
CA PRO A 402 10.41 -27.01 8.10
C PRO A 402 10.80 -26.00 9.19
N GLY A 403 10.81 -24.72 8.86
CA GLY A 403 11.27 -23.65 9.76
C GLY A 403 12.71 -23.28 9.50
N THR A 404 13.41 -23.98 8.60
CA THR A 404 14.86 -23.75 8.33
C THR A 404 15.01 -22.67 7.25
N LEU A 405 14.38 -22.84 6.09
CA LEU A 405 14.45 -21.86 4.97
C LEU A 405 13.39 -20.77 5.17
N VAL A 406 12.20 -21.17 5.62
CA VAL A 406 11.07 -20.25 5.93
C VAL A 406 10.79 -20.38 7.42
N PRO A 407 11.27 -19.43 8.25
CA PRO A 407 11.16 -19.57 9.70
C PRO A 407 9.71 -19.59 10.18
N ALA A 408 9.43 -20.36 11.22
CA ALA A 408 8.07 -20.47 11.82
C ALA A 408 7.54 -19.05 12.16
N GLU A 409 8.41 -18.12 12.57
CA GLU A 409 7.97 -16.75 12.99
C GLU A 409 7.36 -15.99 11.80
N ALA A 410 7.89 -16.17 10.57
CA ALA A 410 7.32 -15.56 9.35
C ALA A 410 5.89 -16.08 9.15
N LEU A 411 5.58 -17.31 9.57
CA LEU A 411 4.26 -17.94 9.30
C LEU A 411 3.23 -17.60 10.38
N THR A 412 3.65 -17.37 11.64
CA THR A 412 2.72 -17.30 12.79
C THR A 412 2.74 -15.94 13.47
N ALA A 413 3.80 -15.14 13.31
CA ALA A 413 3.96 -13.89 14.08
C ALA A 413 2.75 -12.99 13.79
N GLN A 414 2.09 -12.49 14.85
CA GLN A 414 1.04 -11.43 14.78
C GLN A 414 1.70 -10.11 15.18
N ARG A 415 1.35 -9.02 14.52
CA ARG A 415 1.99 -7.72 14.86
C ARG A 415 0.90 -6.65 15.01
N ASP A 416 0.73 -6.16 16.23
CA ASP A 416 -0.15 -4.98 16.50
C ASP A 416 0.32 -3.84 15.60
N ILE A 417 -0.61 -3.02 15.09
CA ILE A 417 -0.23 -1.83 14.29
C ILE A 417 -0.14 -0.68 15.29
N LEU A 418 1.06 -0.41 15.79
CA LEU A 418 1.29 0.61 16.86
C LEU A 418 1.44 1.97 16.19
N LYS A 419 1.31 3.00 16.99
CA LYS A 419 1.60 4.41 16.61
C LYS A 419 2.61 4.93 17.62
N ALA A 420 3.30 6.02 17.26
CA ALA A 420 4.30 6.67 18.13
C ALA A 420 3.63 6.98 19.47
N ARG A 421 4.35 6.66 20.56
CA ARG A 421 3.95 6.94 21.95
C ARG A 421 5.19 7.49 22.65
N TYR A 422 5.02 8.51 23.49
CA TYR A 422 6.16 9.22 24.10
C TYR A 422 6.17 9.03 25.62
N LEU A 423 5.00 8.92 26.27
CA LEU A 423 4.89 8.72 27.74
C LEU A 423 4.38 7.30 28.01
N PHE A 424 5.12 6.52 28.82
CA PHE A 424 4.82 5.10 29.11
C PHE A 424 4.63 4.92 30.62
N ALA A 425 3.77 3.99 31.00
CA ALA A 425 3.67 3.47 32.39
C ALA A 425 4.87 2.56 32.67
N GLU A 426 5.24 2.40 33.93
CA GLU A 426 6.47 1.69 34.39
C GLU A 426 6.57 0.29 33.77
N ASP A 427 5.45 -0.43 33.69
CA ASP A 427 5.40 -1.86 33.28
C ASP A 427 5.40 -1.98 31.74
N GLU A 428 5.18 -0.90 31.00
CA GLU A 428 5.08 -0.92 29.50
C GLU A 428 6.48 -0.95 28.88
N ASP A 429 6.57 -1.45 27.64
CA ASP A 429 7.81 -1.50 26.83
C ASP A 429 7.95 -0.17 26.07
N TRP A 430 8.91 0.67 26.45
CA TRP A 430 9.08 2.01 25.83
C TRP A 430 10.04 1.93 24.63
N ASP A 431 10.45 0.72 24.22
CA ASP A 431 11.28 0.52 23.00
C ASP A 431 10.45 0.88 21.76
N LYS A 432 9.12 0.92 21.89
CA LYS A 432 8.16 1.24 20.79
C LYS A 432 7.81 2.74 20.75
N ALA A 433 8.61 3.61 21.37
CA ALA A 433 8.29 5.05 21.46
C ALA A 433 8.30 5.68 20.06
N VAL A 434 9.48 5.70 19.43
N VAL A 434 9.48 5.70 19.43
CA VAL A 434 9.73 6.35 18.11
CA VAL A 434 9.73 6.35 18.11
C VAL A 434 9.85 5.28 17.02
C VAL A 434 9.85 5.28 17.02
N MET A 435 10.43 4.11 17.34
CA MET A 435 10.55 2.96 16.38
C MET A 435 9.41 1.97 16.66
N TYR A 436 8.20 2.28 16.20
CA TYR A 436 6.93 1.61 16.60
C TYR A 436 6.44 0.63 15.53
N PHE A 437 7.14 0.51 14.38
CA PHE A 437 6.70 -0.31 13.22
C PHE A 437 6.77 -1.80 13.57
N ALA B 1 -28.43 23.29 -4.89
CA ALA B 1 -27.11 23.38 -5.59
C ALA B 1 -27.16 22.53 -6.87
N MET B 2 -26.69 23.09 -7.98
CA MET B 2 -26.57 22.40 -9.30
C MET B 2 -25.35 21.47 -9.25
N SER B 3 -25.54 20.21 -9.66
CA SER B 3 -24.49 19.23 -10.02
C SER B 3 -23.78 18.65 -8.79
N ARG B 4 -24.28 18.86 -7.56
CA ARG B 4 -23.75 18.11 -6.36
C ARG B 4 -24.80 18.05 -5.25
N SER B 5 -24.79 16.92 -4.53
CA SER B 5 -25.81 16.40 -3.59
C SER B 5 -25.32 16.39 -2.13
N ARG B 6 -24.03 16.68 -1.90
CA ARG B 6 -23.46 16.81 -0.52
C ARG B 6 -23.03 18.25 -0.27
N PRO B 7 -23.14 18.75 0.98
CA PRO B 7 -22.83 20.15 1.28
C PRO B 7 -21.33 20.48 1.19
N GLU B 8 -21.02 21.77 0.98
CA GLU B 8 -19.65 22.33 1.07
C GLU B 8 -19.65 23.50 2.05
N LEU B 9 -18.49 23.80 2.63
CA LEU B 9 -18.25 25.05 3.40
C LEU B 9 -18.91 26.18 2.62
N GLY B 10 -19.85 26.90 3.24
CA GLY B 10 -20.52 28.07 2.65
C GLY B 10 -22.01 27.85 2.43
N ASP B 11 -22.50 26.60 2.47
CA ASP B 11 -23.92 26.27 2.16
C ASP B 11 -24.85 26.65 3.32
N TRP B 12 -24.30 27.00 4.48
CA TRP B 12 -25.06 27.47 5.67
C TRP B 12 -24.46 28.80 6.14
N SER B 13 -25.30 29.74 6.62
CA SER B 13 -24.91 31.09 7.06
C SER B 13 -25.09 31.26 8.58
N SER B 14 -25.52 30.21 9.28
CA SER B 14 -25.78 30.22 10.75
C SER B 14 -25.74 28.79 11.31
N PRO B 15 -25.57 28.61 12.64
CA PRO B 15 -25.65 27.29 13.27
C PRO B 15 -27.05 26.66 13.17
N ALA B 16 -28.10 27.49 13.17
CA ALA B 16 -29.50 27.04 12.95
C ALA B 16 -29.61 26.36 11.57
N GLU B 17 -29.05 26.95 10.52
CA GLU B 17 -29.09 26.40 9.13
C GLU B 17 -28.26 25.10 9.09
N LEU B 18 -27.09 25.08 9.74
CA LEU B 18 -26.22 23.86 9.79
C LEU B 18 -27.03 22.70 10.38
N ALA B 19 -27.73 22.95 11.50
CA ALA B 19 -28.54 21.94 12.21
C ALA B 19 -29.65 21.39 11.32
N GLU B 20 -30.25 22.24 10.47
CA GLU B 20 -31.32 21.80 9.53
C GLU B 20 -30.72 20.90 8.45
N LEU B 21 -29.54 21.24 7.93
CA LEU B 21 -28.81 20.41 6.93
C LEU B 21 -28.63 18.99 7.48
N GLN B 22 -28.35 18.86 8.78
CA GLN B 22 -28.08 17.55 9.46
C GLN B 22 -29.40 16.78 9.59
N ARG B 23 -30.43 17.42 10.18
CA ARG B 23 -31.68 16.73 10.59
C ARG B 23 -32.43 16.22 9.34
N SER B 24 -32.28 16.91 8.21
CA SER B 24 -32.89 16.54 6.91
C SER B 24 -32.42 15.15 6.43
N GLN B 25 -31.22 14.71 6.84
CA GLN B 25 -30.63 13.44 6.38
C GLN B 25 -31.03 12.26 7.30
N LEU B 26 -31.56 12.55 8.50
CA LEU B 26 -31.71 11.52 9.57
C LEU B 26 -32.74 10.46 9.21
N PRO B 27 -33.88 10.76 8.55
CA PRO B 27 -34.78 9.70 8.10
C PRO B 27 -34.08 8.68 7.19
N ARG B 28 -33.31 9.13 6.19
CA ARG B 28 -32.54 8.22 5.28
C ARG B 28 -31.53 7.42 6.11
N VAL B 29 -30.81 8.09 7.01
CA VAL B 29 -29.70 7.51 7.84
C VAL B 29 -30.30 6.44 8.76
N LEU B 30 -31.45 6.74 9.40
CA LEU B 30 -32.09 5.82 10.38
C LEU B 30 -32.64 4.58 9.65
N ALA B 31 -33.17 4.76 8.44
CA ALA B 31 -33.71 3.68 7.58
C ALA B 31 -32.56 2.76 7.14
N GLN B 32 -31.42 3.33 6.77
N GLN B 32 -31.43 3.35 6.75
CA GLN B 32 -30.23 2.56 6.31
CA GLN B 32 -30.18 2.66 6.32
C GLN B 32 -29.65 1.76 7.48
C GLN B 32 -29.66 1.78 7.46
N ALA B 33 -29.53 2.36 8.66
CA ALA B 33 -28.95 1.71 9.87
C ALA B 33 -29.75 0.45 10.21
N LEU B 34 -31.09 0.49 10.10
CA LEU B 34 -31.94 -0.69 10.45
C LEU B 34 -31.70 -1.89 9.52
N ARG B 35 -31.09 -1.68 8.35
CA ARG B 35 -30.87 -2.74 7.32
C ARG B 35 -29.71 -3.65 7.74
N SER B 36 -28.87 -3.23 8.69
CA SER B 36 -27.68 -3.99 9.16
C SER B 36 -28.10 -4.98 10.25
N PRO B 37 -27.52 -6.19 10.28
CA PRO B 37 -27.82 -7.16 11.34
C PRO B 37 -27.73 -6.58 12.76
N PHE B 38 -26.74 -5.74 13.05
CA PHE B 38 -26.49 -5.21 14.42
C PHE B 38 -27.67 -4.35 14.90
N TYR B 39 -28.12 -3.37 14.08
CA TYR B 39 -29.21 -2.42 14.45
C TYR B 39 -30.58 -3.12 14.39
N ALA B 40 -30.78 -4.04 13.44
CA ALA B 40 -31.99 -4.88 13.34
C ALA B 40 -32.13 -5.72 14.61
N ALA B 41 -31.03 -6.28 15.13
CA ALA B 41 -30.97 -7.04 16.40
C ALA B 41 -31.28 -6.11 17.59
N ARG B 42 -30.60 -4.96 17.65
CA ARG B 42 -30.72 -3.95 18.74
C ARG B 42 -32.18 -3.53 18.95
N TYR B 43 -32.95 -3.36 17.87
CA TYR B 43 -34.34 -2.80 17.89
C TYR B 43 -35.38 -3.90 17.61
N ARG B 44 -35.01 -5.18 17.80
CA ARG B 44 -35.85 -6.38 17.53
C ARG B 44 -37.27 -6.19 18.07
N GLY B 45 -37.49 -6.32 19.39
CA GLY B 45 -38.83 -6.42 19.98
C GLY B 45 -39.54 -5.08 20.10
N THR B 46 -38.89 -3.98 19.69
CA THR B 46 -39.35 -2.59 19.93
C THR B 46 -39.65 -1.88 18.60
N THR B 47 -40.18 -0.65 18.67
CA THR B 47 -40.34 0.24 17.49
C THR B 47 -39.04 1.02 17.32
N PRO B 48 -38.41 0.99 16.12
CA PRO B 48 -37.11 1.63 15.93
C PRO B 48 -37.22 3.15 15.76
N PRO B 49 -36.09 3.89 15.82
CA PRO B 49 -36.10 5.32 15.50
C PRO B 49 -36.26 5.53 13.99
N ARG B 50 -37.09 6.51 13.57
CA ARG B 50 -37.41 6.77 12.13
C ARG B 50 -37.26 8.26 11.79
N THR B 51 -37.47 9.16 12.75
CA THR B 51 -37.53 10.63 12.55
C THR B 51 -36.34 11.31 13.22
N ALA B 52 -36.03 12.55 12.80
CA ALA B 52 -34.99 13.42 13.40
C ALA B 52 -35.20 13.54 14.92
N ASP B 53 -36.48 13.63 15.37
CA ASP B 53 -36.84 13.81 16.80
C ASP B 53 -36.49 12.54 17.58
N ASP B 54 -36.71 11.36 16.98
CA ASP B 54 -36.39 10.02 17.56
C ASP B 54 -34.88 9.87 17.82
N PHE B 55 -34.03 10.61 17.09
CA PHE B 55 -32.55 10.48 17.14
C PHE B 55 -32.03 10.85 18.54
N ALA B 56 -32.73 11.73 19.26
CA ALA B 56 -32.33 12.20 20.61
C ALA B 56 -32.27 11.02 21.59
N GLY B 57 -33.08 9.98 21.36
CA GLY B 57 -33.20 8.81 22.24
C GLY B 57 -32.32 7.62 21.83
N VAL B 58 -31.55 7.75 20.75
CA VAL B 58 -30.77 6.63 20.16
C VAL B 58 -29.58 6.27 21.08
N GLU B 59 -29.41 4.98 21.37
CA GLU B 59 -28.36 4.43 22.25
C GLU B 59 -27.00 4.52 21.53
N VAL B 60 -25.95 4.84 22.28
CA VAL B 60 -24.54 4.92 21.77
C VAL B 60 -24.10 3.55 21.24
N THR B 61 -23.28 3.55 20.18
CA THR B 61 -22.59 2.37 19.60
C THR B 61 -21.13 2.41 20.06
N ALA B 62 -20.69 1.38 20.77
CA ALA B 62 -19.34 1.30 21.37
C ALA B 62 -18.40 0.55 20.41
N LYS B 63 -17.10 0.87 20.48
CA LYS B 63 -16.02 0.14 19.76
C LYS B 63 -16.21 -1.36 19.95
N GLN B 64 -16.53 -1.80 21.17
CA GLN B 64 -16.63 -3.25 21.51
C GLN B 64 -17.77 -3.86 20.69
N ASP B 65 -18.82 -3.08 20.39
CA ASP B 65 -19.95 -3.54 19.54
C ASP B 65 -19.41 -3.84 18.13
N LEU B 66 -18.57 -2.95 17.58
CA LEU B 66 -17.96 -3.14 16.22
C LEU B 66 -17.04 -4.37 16.22
N ARG B 67 -16.29 -4.60 17.30
CA ARG B 67 -15.39 -5.79 17.39
C ARG B 67 -16.25 -7.06 17.49
N ASP B 68 -17.32 -7.05 18.29
CA ASP B 68 -18.25 -8.20 18.46
C ASP B 68 -18.91 -8.57 17.13
N GLN B 69 -19.05 -7.61 16.21
CA GLN B 69 -19.79 -7.75 14.93
C GLN B 69 -18.83 -8.10 13.80
N TYR B 70 -17.52 -8.24 14.07
CA TYR B 70 -16.50 -8.59 13.04
C TYR B 70 -16.87 -9.90 12.36
N PRO B 71 -16.82 -10.00 11.01
CA PRO B 71 -16.48 -8.90 10.11
C PRO B 71 -17.65 -8.02 9.57
N PHE B 72 -18.83 -8.56 9.31
CA PHE B 72 -19.89 -7.85 8.53
C PHE B 72 -21.21 -7.74 9.29
N GLY B 73 -21.18 -7.74 10.64
CA GLY B 73 -22.38 -7.48 11.46
C GLY B 73 -22.95 -6.08 11.26
N MET B 74 -22.14 -5.11 10.83
CA MET B 74 -22.55 -3.69 10.67
C MET B 74 -22.92 -3.39 9.21
N LEU B 75 -23.01 -4.41 8.35
CA LEU B 75 -23.18 -4.24 6.88
C LEU B 75 -24.66 -4.06 6.54
N ALA B 76 -25.00 -3.03 5.76
CA ALA B 76 -26.39 -2.64 5.47
C ALA B 76 -26.72 -2.75 3.97
N VAL B 77 -25.76 -3.19 3.15
CA VAL B 77 -25.94 -3.36 1.69
C VAL B 77 -25.42 -4.75 1.31
N GLY B 78 -25.85 -5.28 0.15
CA GLY B 78 -25.24 -6.52 -0.40
C GLY B 78 -23.75 -6.35 -0.58
N ARG B 79 -22.97 -7.40 -0.34
CA ARG B 79 -21.49 -7.33 -0.44
C ARG B 79 -21.07 -6.94 -1.87
N GLU B 80 -21.92 -7.20 -2.87
CA GLU B 80 -21.63 -6.85 -4.28
C GLU B 80 -21.42 -5.33 -4.42
N HIS B 81 -22.00 -4.52 -3.53
CA HIS B 81 -21.90 -3.04 -3.58
C HIS B 81 -20.66 -2.49 -2.85
N LEU B 82 -19.86 -3.32 -2.14
CA LEU B 82 -18.67 -2.79 -1.43
C LEU B 82 -17.58 -2.47 -2.47
N ALA B 83 -16.85 -1.37 -2.31
CA ALA B 83 -15.66 -1.04 -3.13
C ALA B 83 -14.39 -1.54 -2.42
N THR B 84 -14.20 -1.20 -1.14
CA THR B 84 -12.97 -1.55 -0.39
C THR B 84 -13.35 -1.95 1.04
N TYR B 85 -12.47 -2.73 1.65
CA TYR B 85 -12.58 -3.27 3.02
C TYR B 85 -11.31 -2.83 3.75
N HIS B 86 -11.42 -2.45 5.02
CA HIS B 86 -10.27 -1.93 5.80
C HIS B 86 -10.37 -2.43 7.23
N GLU B 87 -9.25 -2.43 7.95
CA GLU B 87 -9.26 -2.71 9.40
C GLU B 87 -8.49 -1.61 10.10
N SER B 88 -8.81 -1.42 11.36
CA SER B 88 -8.20 -0.37 12.22
C SER B 88 -6.77 -0.75 12.57
N SER B 89 -5.95 0.27 12.91
CA SER B 89 -4.67 0.10 13.65
C SER B 89 -4.98 -0.43 15.05
N GLY B 90 -3.96 -0.66 15.88
CA GLY B 90 -4.11 -1.22 17.23
C GLY B 90 -3.96 -2.73 17.24
N THR B 91 -4.66 -3.40 18.16
CA THR B 91 -4.48 -4.85 18.48
C THR B 91 -4.86 -5.67 17.24
N ALA B 92 -3.99 -6.59 16.82
CA ALA B 92 -4.25 -7.51 15.68
C ALA B 92 -5.23 -8.62 16.11
N GLY B 93 -5.25 -8.97 17.40
CA GLY B 93 -6.06 -10.07 17.96
C GLY B 93 -7.55 -9.77 17.97
N GLU B 94 -7.95 -8.49 17.99
CA GLU B 94 -9.38 -8.10 18.08
C GLU B 94 -9.69 -7.05 17.01
N PRO B 95 -9.79 -7.47 15.73
CA PRO B 95 -9.90 -6.50 14.64
C PRO B 95 -11.25 -5.75 14.60
N THR B 96 -11.20 -4.55 14.06
CA THR B 96 -12.40 -3.76 13.71
C THR B 96 -12.42 -3.60 12.19
N ALA B 97 -13.50 -4.04 11.56
CA ALA B 97 -13.70 -3.93 10.10
C ALA B 97 -14.46 -2.65 9.74
N SER B 98 -14.05 -1.98 8.67
N SER B 98 -14.03 -2.00 8.66
CA SER B 98 -14.87 -0.93 8.02
CA SER B 98 -14.74 -0.87 8.01
C SER B 98 -14.85 -1.20 6.52
C SER B 98 -14.80 -1.14 6.50
N TYR B 99 -15.87 -0.71 5.82
CA TYR B 99 -16.05 -0.99 4.38
C TYR B 99 -16.97 0.08 3.82
N TYR B 100 -16.81 0.33 2.53
CA TYR B 100 -17.33 1.54 1.84
C TYR B 100 -17.71 1.16 0.40
N THR B 101 -18.85 1.70 -0.06
CA THR B 101 -19.28 1.66 -1.48
C THR B 101 -18.49 2.73 -2.22
N GLU B 102 -18.56 2.73 -3.57
CA GLU B 102 -17.95 3.80 -4.41
C GLU B 102 -18.49 5.16 -3.98
N GLU B 103 -19.79 5.27 -3.74
CA GLU B 103 -20.44 6.56 -3.39
C GLU B 103 -19.98 6.97 -1.99
N ASP B 104 -19.88 6.03 -1.04
CA ASP B 104 -19.32 6.32 0.31
C ASP B 104 -17.93 6.93 0.16
N TRP B 105 -17.13 6.42 -0.77
CA TRP B 105 -15.74 6.87 -1.02
C TRP B 105 -15.71 8.32 -1.52
N THR B 106 -16.71 8.77 -2.28
CA THR B 106 -16.69 10.16 -2.77
C THR B 106 -16.76 11.09 -1.55
N ASP B 107 -17.62 10.81 -0.58
CA ASP B 107 -17.73 11.57 0.70
C ASP B 107 -16.38 11.52 1.43
N LEU B 108 -15.77 10.35 1.56
CA LEU B 108 -14.47 10.22 2.29
C LEU B 108 -13.43 11.11 1.63
N ALA B 109 -13.29 11.01 0.30
CA ALA B 109 -12.24 11.72 -0.47
C ALA B 109 -12.48 13.24 -0.35
N GLU B 110 -13.72 13.69 -0.41
CA GLU B 110 -14.09 15.12 -0.28
C GLU B 110 -13.64 15.67 1.09
N ARG B 111 -13.87 14.90 2.16
CA ARG B 111 -13.57 15.35 3.53
C ARG B 111 -12.05 15.47 3.70
N PHE B 112 -11.30 14.49 3.20
CA PHE B 112 -9.81 14.59 3.25
C PHE B 112 -9.35 15.82 2.48
N ALA B 113 -9.93 16.05 1.30
CA ALA B 113 -9.48 17.10 0.36
C ALA B 113 -9.77 18.50 0.90
N ARG B 114 -10.50 18.65 2.01
CA ARG B 114 -10.73 19.96 2.70
C ARG B 114 -9.43 20.35 3.42
N LYS B 115 -8.41 20.65 2.63
CA LYS B 115 -7.08 21.13 3.08
C LYS B 115 -7.04 22.60 2.70
N TRP B 116 -6.95 23.46 3.71
CA TRP B 116 -7.03 24.93 3.54
C TRP B 116 -5.95 25.42 2.58
N THR B 117 -4.83 24.68 2.45
CA THR B 117 -3.73 25.01 1.50
C THR B 117 -4.10 24.64 0.05
N GLY B 118 -5.20 23.89 -0.14
CA GLY B 118 -5.61 23.37 -1.45
C GLY B 118 -4.85 22.09 -1.83
N ILE B 119 -5.43 21.30 -2.74
CA ILE B 119 -4.76 20.21 -3.50
C ILE B 119 -5.08 20.43 -4.98
N HIS B 120 -4.07 20.60 -5.82
CA HIS B 120 -4.19 21.05 -7.22
C HIS B 120 -3.47 20.09 -8.16
N PRO B 121 -3.83 20.09 -9.47
CA PRO B 121 -3.09 19.32 -10.47
C PRO B 121 -1.59 19.66 -10.54
N SER B 122 -1.20 20.89 -10.20
CA SER B 122 0.21 21.35 -10.14
C SER B 122 0.97 20.66 -8.99
N ASP B 123 0.28 19.98 -8.07
CA ASP B 123 0.92 19.34 -6.89
C ASP B 123 1.47 17.94 -7.23
N THR B 124 2.60 17.60 -6.60
CA THR B 124 3.16 16.23 -6.53
C THR B 124 3.08 15.82 -5.07
N PHE B 125 2.22 14.83 -4.77
CA PHE B 125 1.73 14.48 -3.42
C PHE B 125 2.33 13.14 -3.00
N LEU B 126 3.24 13.17 -2.03
CA LEU B 126 3.86 11.94 -1.47
C LEU B 126 2.98 11.43 -0.36
N VAL B 127 2.36 10.29 -0.59
CA VAL B 127 1.50 9.59 0.39
C VAL B 127 2.37 8.62 1.20
N ARG B 128 2.62 8.96 2.46
CA ARG B 128 3.61 8.29 3.35
C ARG B 128 2.89 7.82 4.60
N THR B 129 1.75 7.16 4.42
CA THR B 129 1.04 6.37 5.45
C THR B 129 0.80 4.98 4.87
N PRO B 130 0.43 3.97 5.69
CA PRO B 130 0.30 2.60 5.18
C PRO B 130 -0.90 2.36 4.25
N TYR B 131 -0.73 1.40 3.34
CA TYR B 131 -1.79 0.87 2.45
C TYR B 131 -2.21 -0.54 2.86
N GLY B 132 -1.54 -1.14 3.86
CA GLY B 132 -1.83 -2.49 4.33
C GLY B 132 -3.01 -2.52 5.26
N LEU B 133 -4.19 -2.84 4.70
CA LEU B 133 -5.51 -2.94 5.37
C LEU B 133 -5.98 -1.58 5.90
N VAL B 134 -5.08 -0.76 6.47
CA VAL B 134 -5.50 0.54 7.05
C VAL B 134 -5.96 1.45 5.89
N ILE B 135 -6.83 2.40 6.19
CA ILE B 135 -7.49 3.23 5.15
C ILE B 135 -6.62 4.42 4.73
N THR B 136 -5.67 4.80 5.60
N THR B 136 -5.68 4.84 5.59
CA THR B 136 -4.96 6.09 5.56
CA THR B 136 -5.03 6.18 5.50
C THR B 136 -4.34 6.36 4.18
C THR B 136 -4.33 6.38 4.15
N GLY B 137 -3.54 5.42 3.67
CA GLY B 137 -2.86 5.59 2.37
C GLY B 137 -3.88 5.71 1.22
N HIS B 138 -4.91 4.87 1.23
CA HIS B 138 -5.97 4.79 0.21
C HIS B 138 -6.74 6.12 0.21
N LEU B 139 -6.95 6.68 1.39
CA LEU B 139 -7.76 7.92 1.56
C LEU B 139 -7.02 9.10 0.93
N ALA B 140 -5.74 9.28 1.23
CA ALA B 140 -4.92 10.38 0.67
C ALA B 140 -4.79 10.22 -0.85
N GLN B 141 -4.56 8.99 -1.32
CA GLN B 141 -4.47 8.72 -2.77
C GLN B 141 -5.79 9.10 -3.46
N ALA B 142 -6.94 8.67 -2.93
CA ALA B 142 -8.27 8.98 -3.49
C ALA B 142 -8.50 10.49 -3.55
N ALA B 143 -8.11 11.25 -2.52
CA ALA B 143 -8.25 12.72 -2.51
C ALA B 143 -7.31 13.36 -3.53
N GLY B 144 -6.08 12.84 -3.66
CA GLY B 144 -5.12 13.29 -4.68
C GLY B 144 -5.66 13.10 -6.09
N ARG B 145 -6.29 11.95 -6.35
CA ARG B 145 -6.87 11.61 -7.66
C ARG B 145 -8.09 12.52 -7.88
N LEU B 146 -8.92 12.71 -6.86
CA LEU B 146 -10.15 13.57 -6.96
C LEU B 146 -9.71 14.98 -7.44
N ARG B 147 -8.60 15.50 -6.91
CA ARG B 147 -8.18 16.91 -7.12
C ARG B 147 -7.12 17.00 -8.25
N GLY B 148 -6.67 15.87 -8.81
CA GLY B 148 -5.79 15.81 -10.00
C GLY B 148 -4.30 15.91 -9.67
N ALA B 149 -3.91 15.85 -8.38
CA ALA B 149 -2.50 15.91 -7.96
C ALA B 149 -1.82 14.61 -8.42
N THR B 150 -0.55 14.67 -8.83
CA THR B 150 0.27 13.46 -9.09
C THR B 150 0.51 12.75 -7.75
N VAL B 151 -0.06 11.55 -7.55
CA VAL B 151 0.15 10.75 -6.31
C VAL B 151 1.43 9.91 -6.46
N VAL B 152 2.33 10.06 -5.50
CA VAL B 152 3.53 9.21 -5.33
C VAL B 152 3.25 8.32 -4.13
N PRO B 153 2.95 7.02 -4.34
CA PRO B 153 2.58 6.14 -3.24
C PRO B 153 3.85 5.70 -2.50
N GLY B 154 4.18 6.43 -1.45
CA GLY B 154 5.32 6.12 -0.57
C GLY B 154 5.06 4.90 0.29
N ASP B 155 3.81 4.67 0.68
CA ASP B 155 3.42 3.62 1.65
C ASP B 155 4.20 3.96 2.92
N ALA B 156 4.02 3.21 3.98
CA ALA B 156 4.79 3.39 5.23
C ALA B 156 4.77 2.02 5.88
N ARG B 157 5.88 1.66 6.53
CA ARG B 157 6.08 0.35 7.18
C ARG B 157 6.38 -0.69 6.11
N SER B 158 6.61 -0.27 4.87
CA SER B 158 6.96 -1.19 3.75
C SER B 158 8.48 -1.27 3.62
N LEU B 159 9.01 -2.46 3.43
CA LEU B 159 10.46 -2.68 3.16
C LEU B 159 10.84 -2.07 1.80
N ALA B 160 9.88 -1.86 0.89
CA ALA B 160 10.13 -1.25 -0.44
C ALA B 160 10.51 0.23 -0.35
N THR B 161 10.11 0.95 0.72
CA THR B 161 10.18 2.42 0.78
C THR B 161 10.79 2.87 2.09
N PRO B 162 12.10 2.61 2.28
CA PRO B 162 12.82 3.15 3.44
C PRO B 162 12.98 4.67 3.32
N LEU B 163 13.30 5.30 4.44
CA LEU B 163 13.36 6.79 4.53
C LEU B 163 14.35 7.34 3.51
N SER B 164 15.48 6.66 3.26
CA SER B 164 16.53 7.19 2.34
C SER B 164 15.93 7.35 0.94
N ARG B 165 15.09 6.41 0.52
CA ARG B 165 14.42 6.46 -0.81
C ARG B 165 13.37 7.58 -0.81
N MET B 166 12.66 7.78 0.30
CA MET B 166 11.63 8.86 0.44
C MET B 166 12.30 10.23 0.38
N VAL B 167 13.48 10.40 0.98
CA VAL B 167 14.25 11.68 0.92
C VAL B 167 14.64 11.97 -0.53
N ARG B 168 15.15 10.95 -1.23
CA ARG B 168 15.57 11.08 -2.64
C ARG B 168 14.38 11.49 -3.51
N VAL B 169 13.21 10.87 -3.29
CA VAL B 169 11.94 11.16 -4.03
C VAL B 169 11.49 12.61 -3.72
N LEU B 170 11.46 12.99 -2.44
N LEU B 170 11.46 12.99 -2.44
CA LEU B 170 11.08 14.36 -1.99
CA LEU B 170 11.11 14.35 -1.94
C LEU B 170 11.85 15.40 -2.80
C LEU B 170 11.87 15.40 -2.77
N LYS B 171 13.18 15.19 -2.96
CA LYS B 171 14.09 16.15 -3.63
C LYS B 171 14.01 16.04 -5.16
N THR B 172 14.15 14.85 -5.72
CA THR B 172 14.31 14.65 -7.19
C THR B 172 12.97 14.86 -7.91
N LEU B 173 11.83 14.56 -7.29
CA LEU B 173 10.49 14.73 -7.93
C LEU B 173 9.89 16.11 -7.60
N ASP B 174 10.60 16.97 -6.85
CA ASP B 174 10.07 18.31 -6.46
C ASP B 174 8.69 18.15 -5.83
N VAL B 175 8.57 17.25 -4.85
CA VAL B 175 7.31 16.97 -4.13
C VAL B 175 6.82 18.27 -3.48
N THR B 176 5.53 18.55 -3.58
CA THR B 176 4.93 19.83 -3.09
C THR B 176 4.11 19.58 -1.83
N LEU B 177 3.55 18.38 -1.69
CA LEU B 177 2.70 17.99 -0.53
C LEU B 177 3.14 16.63 0.00
N THR B 178 3.11 16.46 1.32
CA THR B 178 3.31 15.15 1.98
C THR B 178 2.10 14.84 2.85
N TRP B 179 1.87 13.55 3.09
CA TRP B 179 0.89 13.02 4.08
C TRP B 179 1.59 11.94 4.88
N CYS B 180 1.71 12.17 6.18
CA CYS B 180 2.37 11.23 7.12
C CYS B 180 2.12 11.71 8.53
N ASN B 181 2.30 10.83 9.51
CA ASN B 181 2.08 11.17 10.93
C ASN B 181 3.19 12.12 11.37
N PRO B 182 3.00 12.84 12.50
CA PRO B 182 3.97 13.84 12.94
C PRO B 182 5.37 13.28 13.27
N THR B 183 5.43 12.05 13.78
CA THR B 183 6.74 11.38 14.04
C THR B 183 7.45 11.13 12.72
N GLU B 184 6.69 10.75 11.68
CA GLU B 184 7.28 10.53 10.34
C GLU B 184 7.82 11.85 9.80
N ILE B 185 7.19 12.99 10.08
CA ILE B 185 7.74 14.31 9.65
C ILE B 185 9.17 14.50 10.22
N THR B 186 9.41 14.14 11.49
CA THR B 186 10.74 14.28 12.13
C THR B 186 11.68 13.19 11.60
N MET B 187 11.21 11.97 11.37
CA MET B 187 12.04 10.88 10.78
C MET B 187 12.52 11.32 9.40
N LEU B 188 11.65 11.91 8.57
CA LEU B 188 12.05 12.39 7.22
C LEU B 188 13.10 13.50 7.36
N ALA B 189 12.94 14.40 8.34
CA ALA B 189 13.90 15.51 8.57
C ALA B 189 15.27 14.91 8.94
N ALA B 190 15.29 13.93 9.82
CA ALA B 190 16.53 13.28 10.29
C ALA B 190 17.17 12.55 9.13
N ALA B 191 16.39 11.87 8.27
CA ALA B 191 16.92 11.15 7.09
C ALA B 191 17.48 12.14 6.07
N ALA B 192 16.83 13.31 5.90
CA ALA B 192 17.33 14.40 5.02
C ALA B 192 18.73 14.83 5.49
N LYS B 193 18.89 15.13 6.78
CA LYS B 193 20.18 15.60 7.34
C LYS B 193 21.24 14.51 7.14
N ALA B 194 20.88 13.24 7.34
CA ALA B 194 21.78 12.08 7.15
C ALA B 194 22.21 11.95 5.67
N ALA B 195 21.42 12.45 4.72
CA ALA B 195 21.75 12.46 3.27
C ALA B 195 22.50 13.74 2.90
N GLY B 196 22.74 14.65 3.84
CA GLY B 196 23.45 15.91 3.59
C GLY B 196 22.52 16.99 3.04
N LEU B 197 21.23 16.91 3.35
CA LEU B 197 20.22 17.90 2.89
C LEU B 197 19.61 18.61 4.11
N ARG B 198 19.44 19.92 4.00
CA ARG B 198 18.81 20.77 5.04
C ARG B 198 17.31 20.80 4.79
N PRO B 199 16.48 20.24 5.69
CA PRO B 199 15.02 20.31 5.53
C PRO B 199 14.48 21.75 5.41
N ASP B 200 15.14 22.74 6.02
CA ASP B 200 14.63 24.14 6.07
C ASP B 200 15.00 24.91 4.80
N GLN B 201 15.81 24.36 3.88
CA GLN B 201 16.31 25.10 2.69
C GLN B 201 16.35 24.25 1.42
N ASP B 202 16.59 22.94 1.49
CA ASP B 202 16.97 22.14 0.30
C ASP B 202 15.75 21.48 -0.37
N PHE B 203 14.53 21.78 0.08
CA PHE B 203 13.25 21.28 -0.51
C PHE B 203 12.37 22.47 -0.86
N PRO B 204 12.83 23.35 -1.79
CA PRO B 204 12.15 24.61 -2.08
C PRO B 204 10.72 24.47 -2.61
N HIS B 205 10.37 23.31 -3.21
CA HIS B 205 9.05 23.04 -3.84
C HIS B 205 8.06 22.51 -2.80
N LEU B 206 8.53 22.05 -1.64
CA LEU B 206 7.63 21.52 -0.59
C LEU B 206 6.86 22.70 0.02
N ARG B 207 5.53 22.70 -0.08
CA ARG B 207 4.69 23.90 0.25
C ARG B 207 3.75 23.61 1.43
N ALA B 208 3.46 22.34 1.74
CA ALA B 208 2.64 21.95 2.91
C ALA B 208 2.86 20.50 3.29
N MET B 209 2.70 20.19 4.57
CA MET B 209 2.77 18.82 5.11
C MET B 209 1.46 18.49 5.83
N PHE B 210 0.71 17.53 5.30
CA PHE B 210 -0.56 17.07 5.89
C PHE B 210 -0.23 16.01 6.93
N THR B 211 -0.90 16.07 8.08
CA THR B 211 -0.59 15.13 9.19
C THR B 211 -1.85 14.79 9.99
N ALA B 212 -1.78 13.68 10.70
CA ALA B 212 -2.85 13.16 11.58
C ALA B 212 -2.28 12.00 12.38
N ALA B 213 -3.16 11.34 13.14
CA ALA B 213 -3.01 9.98 13.72
C ALA B 213 -2.38 10.07 15.13
N GLU B 214 -1.80 11.20 15.52
CA GLU B 214 -1.25 11.38 16.89
C GLU B 214 -1.81 12.65 17.52
N PRO B 215 -2.02 12.66 18.85
CA PRO B 215 -2.22 13.91 19.59
C PRO B 215 -1.04 14.84 19.28
N LEU B 216 -1.34 16.06 18.84
CA LEU B 216 -0.31 17.00 18.35
C LEU B 216 -0.52 18.35 19.01
N THR B 217 0.40 18.76 19.88
CA THR B 217 0.36 20.10 20.53
C THR B 217 0.75 21.15 19.50
N GLU B 218 0.28 22.39 19.67
CA GLU B 218 0.64 23.53 18.81
C GLU B 218 2.15 23.76 18.87
N VAL B 219 2.78 23.55 20.04
CA VAL B 219 4.25 23.78 20.23
C VAL B 219 5.00 22.83 19.31
N ARG B 220 4.62 21.56 19.29
CA ARG B 220 5.28 20.55 18.44
C ARG B 220 5.00 20.86 16.97
N ARG B 221 3.73 21.15 16.63
CA ARG B 221 3.33 21.45 15.23
C ARG B 221 4.18 22.59 14.71
N ARG B 222 4.33 23.68 15.47
CA ARG B 222 5.10 24.88 15.01
C ARG B 222 6.58 24.51 14.84
N ARG B 223 7.13 23.66 15.70
CA ARG B 223 8.54 23.18 15.53
C ARG B 223 8.69 22.35 14.24
N LEU B 224 7.76 21.43 13.96
CA LEU B 224 7.77 20.61 12.73
C LEU B 224 7.75 21.55 11.52
N SER B 225 6.91 22.58 11.56
CA SER B 225 6.85 23.63 10.52
C SER B 225 8.24 24.29 10.34
N GLU B 226 8.86 24.73 11.43
CA GLU B 226 10.18 25.43 11.44
C GLU B 226 11.28 24.50 10.91
N ILE B 227 11.26 23.21 11.27
CA ILE B 227 12.28 22.24 10.79
C ILE B 227 12.23 22.24 9.26
N TRP B 228 11.04 22.30 8.68
CA TRP B 228 10.84 22.21 7.20
C TRP B 228 10.67 23.61 6.58
N GLY B 229 11.28 24.64 7.17
CA GLY B 229 11.43 25.95 6.50
C GLY B 229 10.24 26.85 6.69
N GLY B 230 9.37 26.57 7.66
CA GLY B 230 8.26 27.43 8.08
C GLY B 230 6.98 27.18 7.28
N ILE B 231 6.93 26.07 6.52
CA ILE B 231 5.75 25.72 5.69
C ILE B 231 4.62 25.25 6.61
N PRO B 232 3.36 25.37 6.15
CA PRO B 232 2.21 24.90 6.92
C PRO B 232 2.23 23.39 7.20
N VAL B 233 2.02 23.00 8.46
CA VAL B 233 1.72 21.60 8.87
C VAL B 233 0.22 21.52 9.14
N VAL B 234 -0.51 20.86 8.24
CA VAL B 234 -2.00 20.90 8.17
C VAL B 234 -2.54 19.60 8.74
N GLU B 235 -3.15 19.69 9.92
CA GLU B 235 -3.63 18.55 10.70
C GLU B 235 -5.05 18.20 10.28
N GLU B 236 -5.36 16.91 10.31
CA GLU B 236 -6.76 16.44 10.36
C GLU B 236 -6.89 15.37 11.45
N TYR B 237 -8.13 15.01 11.72
CA TYR B 237 -8.54 14.04 12.75
C TYR B 237 -9.54 13.11 12.08
N GLY B 238 -9.29 11.80 12.17
CA GLY B 238 -10.14 10.77 11.55
C GLY B 238 -10.01 9.42 12.22
N SER B 239 -10.80 8.48 11.75
CA SER B 239 -10.72 7.05 12.13
C SER B 239 -11.09 6.21 10.90
N THR B 240 -10.69 4.95 10.93
CA THR B 240 -11.04 3.98 9.85
C THR B 240 -12.57 3.89 9.71
N GLU B 241 -13.28 3.92 10.82
CA GLU B 241 -14.75 3.70 10.91
C GLU B 241 -15.53 4.94 10.44
N THR B 242 -14.92 6.14 10.47
CA THR B 242 -15.63 7.43 10.23
C THR B 242 -15.10 8.18 9.00
N GLY B 243 -13.86 7.94 8.58
CA GLY B 243 -13.14 8.84 7.70
C GLY B 243 -12.75 10.12 8.44
N THR B 244 -12.41 11.17 7.71
CA THR B 244 -11.91 12.45 8.26
C THR B 244 -13.07 13.19 8.94
N ILE B 245 -13.01 13.44 10.25
CA ILE B 245 -14.13 14.12 10.95
C ILE B 245 -13.77 15.57 11.28
N ALA B 246 -12.51 15.99 11.15
CA ALA B 246 -12.13 17.39 11.43
C ALA B 246 -10.86 17.76 10.66
N GLY B 247 -10.78 19.01 10.21
CA GLY B 247 -9.61 19.52 9.49
C GLY B 247 -9.20 20.90 9.95
N GLN B 248 -7.93 21.21 9.80
CA GLN B 248 -7.30 22.48 10.20
C GLN B 248 -7.82 23.66 9.35
N CYS B 249 -8.05 24.82 9.96
CA CYS B 249 -8.24 26.12 9.26
C CYS B 249 -6.91 26.85 9.17
N PRO B 250 -6.78 27.95 8.41
CA PRO B 250 -5.53 28.72 8.35
C PRO B 250 -5.05 29.29 9.69
N GLU B 251 -5.92 29.34 10.70
CA GLU B 251 -5.57 29.81 12.07
C GLU B 251 -4.96 28.68 12.91
N GLY B 252 -5.02 27.43 12.44
CA GLY B 252 -4.31 26.32 13.08
C GLY B 252 -5.18 25.48 14.00
N ARG B 253 -6.49 25.74 14.04
CA ARG B 253 -7.47 24.92 14.80
C ARG B 253 -8.17 23.93 13.86
N MET B 254 -8.45 22.72 14.37
CA MET B 254 -9.27 21.73 13.64
C MET B 254 -10.75 22.04 13.87
N HIS B 255 -11.51 22.11 12.77
CA HIS B 255 -12.98 22.27 12.77
C HIS B 255 -13.66 20.95 12.41
N LEU B 256 -14.74 20.60 13.10
CA LEU B 256 -15.54 19.38 12.81
C LEU B 256 -16.27 19.54 11.47
N TRP B 257 -16.28 18.50 10.63
CA TRP B 257 -17.02 18.51 9.35
C TRP B 257 -18.49 18.16 9.62
N ALA B 258 -19.19 19.01 10.36
CA ALA B 258 -20.56 18.77 10.91
C ALA B 258 -21.62 18.72 9.79
N ASP B 259 -21.32 19.25 8.60
CA ASP B 259 -22.24 19.11 7.44
C ASP B 259 -22.33 17.63 7.03
N ARG B 260 -21.30 16.81 7.30
CA ARG B 260 -21.23 15.40 6.82
C ARG B 260 -21.46 14.41 7.97
N ALA B 261 -21.58 14.88 9.21
CA ALA B 261 -21.81 14.00 10.38
C ALA B 261 -22.35 14.82 11.55
N ILE B 262 -23.17 14.20 12.39
CA ILE B 262 -23.61 14.76 13.69
C ILE B 262 -22.56 14.36 14.73
N PHE B 263 -21.99 15.37 15.41
CA PHE B 263 -20.92 15.27 16.42
C PHE B 263 -21.50 15.61 17.78
N GLU B 264 -21.23 14.74 18.75
CA GLU B 264 -21.71 14.88 20.14
C GLU B 264 -20.54 14.54 21.07
N VAL B 265 -20.51 15.17 22.24
CA VAL B 265 -19.54 14.90 23.32
C VAL B 265 -20.27 14.10 24.41
N TYR B 266 -19.72 12.93 24.75
CA TYR B 266 -20.31 11.94 25.68
C TYR B 266 -19.57 12.07 27.02
N ASP B 267 -20.32 12.27 28.11
CA ASP B 267 -19.78 12.28 29.49
C ASP B 267 -19.97 10.88 30.08
N PRO B 268 -18.87 10.12 30.30
CA PRO B 268 -18.98 8.76 30.85
C PRO B 268 -19.77 8.65 32.17
N ARG B 269 -19.63 9.65 33.06
CA ARG B 269 -20.25 9.69 34.42
C ARG B 269 -21.78 9.76 34.31
N THR B 270 -22.30 10.84 33.70
CA THR B 270 -23.74 11.14 33.60
C THR B 270 -24.37 10.33 32.46
N GLY B 271 -23.56 9.90 31.48
CA GLY B 271 -24.01 9.21 30.26
C GLY B 271 -24.79 10.14 29.35
N THR B 272 -24.57 11.45 29.46
CA THR B 272 -25.29 12.50 28.69
C THR B 272 -24.47 12.83 27.43
N LEU B 273 -25.17 13.23 26.36
CA LEU B 273 -24.59 13.67 25.07
C LEU B 273 -24.87 15.17 24.88
N SER B 274 -23.82 15.96 24.70
CA SER B 274 -23.88 17.43 24.47
C SER B 274 -23.29 17.78 23.10
N GLU B 275 -23.66 18.92 22.54
CA GLU B 275 -23.20 19.40 21.22
C GLU B 275 -21.80 20.01 21.35
N ALA B 276 -21.34 20.32 22.57
CA ALA B 276 -19.98 20.86 22.83
C ALA B 276 -19.52 20.47 24.23
N GLY B 277 -18.27 20.82 24.57
CA GLY B 277 -17.66 20.60 25.90
C GLY B 277 -16.60 19.51 25.87
N ARG B 278 -16.29 18.97 27.05
CA ARG B 278 -15.20 18.02 27.33
C ARG B 278 -15.84 16.63 27.49
N GLY B 279 -15.24 15.60 26.89
CA GLY B 279 -15.78 14.24 26.94
C GLY B 279 -15.33 13.43 25.75
N GLN B 280 -16.05 12.34 25.44
CA GLN B 280 -15.64 11.36 24.41
C GLN B 280 -16.35 11.68 23.09
N MET B 281 -15.61 11.65 21.99
CA MET B 281 -16.08 12.01 20.61
C MET B 281 -17.09 10.96 20.13
N VAL B 282 -18.34 11.38 19.88
CA VAL B 282 -19.42 10.52 19.31
C VAL B 282 -19.76 11.05 17.91
N VAL B 283 -19.95 10.16 16.94
CA VAL B 283 -20.10 10.51 15.49
C VAL B 283 -21.27 9.71 14.90
N THR B 284 -22.18 10.39 14.20
CA THR B 284 -23.18 9.76 13.31
C THR B 284 -22.92 10.28 11.89
N PRO B 285 -22.22 9.50 11.03
CA PRO B 285 -22.00 9.89 9.64
C PRO B 285 -23.34 9.94 8.88
N LEU B 286 -23.50 10.92 7.98
CA LEU B 286 -24.78 11.17 7.29
C LEU B 286 -24.78 10.66 5.85
N TYR B 287 -23.60 10.43 5.24
CA TYR B 287 -23.48 10.14 3.78
C TYR B 287 -22.71 8.83 3.56
N ARG B 288 -23.28 7.75 4.07
CA ARG B 288 -22.77 6.38 3.84
C ARG B 288 -23.94 5.41 3.77
N ASP B 289 -23.77 4.38 2.96
CA ASP B 289 -24.75 3.28 2.72
C ASP B 289 -24.22 1.99 3.38
N ALA B 290 -22.93 1.66 3.25
CA ALA B 290 -22.43 0.29 3.53
C ALA B 290 -22.44 -0.01 5.04
N MET B 291 -21.94 0.93 5.86
N MET B 291 -21.95 0.93 5.86
CA MET B 291 -21.69 0.67 7.30
CA MET B 291 -21.73 0.65 7.31
C MET B 291 -22.27 1.80 8.14
C MET B 291 -22.27 1.81 8.13
N PRO B 292 -23.62 1.90 8.27
CA PRO B 292 -24.24 2.93 9.09
C PRO B 292 -23.76 2.85 10.55
N LEU B 293 -23.44 4.01 11.13
CA LEU B 293 -23.11 4.13 12.56
C LEU B 293 -24.04 5.16 13.20
N LEU B 294 -24.77 4.75 14.24
CA LEU B 294 -25.61 5.62 15.08
C LEU B 294 -24.85 5.92 16.38
N ARG B 295 -24.41 7.16 16.55
CA ARG B 295 -23.75 7.68 17.78
C ARG B 295 -22.61 6.71 18.15
N TYR B 296 -21.67 6.53 17.22
CA TYR B 296 -20.45 5.72 17.41
C TYR B 296 -19.46 6.49 18.29
N ASN B 297 -19.16 5.95 19.47
CA ASN B 297 -18.19 6.51 20.44
C ASN B 297 -16.76 6.09 20.06
N LEU B 298 -15.96 6.98 19.47
CA LEU B 298 -14.51 6.78 19.19
C LEU B 298 -13.74 6.58 20.50
N ALA B 299 -14.31 7.03 21.62
CA ALA B 299 -13.70 6.99 22.97
C ALA B 299 -12.41 7.84 22.99
N ASP B 300 -12.25 8.77 22.06
CA ASP B 300 -11.19 9.81 22.15
C ASP B 300 -11.65 10.94 23.08
N ASP B 301 -10.80 11.34 24.01
CA ASP B 301 -11.02 12.47 24.94
C ASP B 301 -10.82 13.77 24.14
N VAL B 302 -11.89 14.56 24.01
CA VAL B 302 -11.90 15.76 23.13
C VAL B 302 -12.50 16.96 23.88
N GLU B 303 -12.14 18.15 23.43
CA GLU B 303 -12.72 19.46 23.82
C GLU B 303 -13.35 20.08 22.57
N VAL B 304 -14.68 20.17 22.50
CA VAL B 304 -15.44 20.77 21.37
C VAL B 304 -15.92 22.15 21.81
N SER B 305 -15.67 23.19 21.01
CA SER B 305 -16.16 24.57 21.28
C SER B 305 -16.89 25.12 20.06
N THR B 306 -18.04 25.77 20.26
CA THR B 306 -18.80 26.53 19.23
C THR B 306 -18.33 27.99 19.20
N ASP B 307 -17.34 28.35 20.01
CA ASP B 307 -16.81 29.75 20.08
C ASP B 307 -16.16 30.09 18.75
N PRO B 308 -16.43 31.29 18.17
CA PRO B 308 -15.94 31.61 16.85
C PRO B 308 -14.40 31.63 16.82
N CYS B 309 -13.86 31.36 15.63
CA CYS B 309 -12.42 31.29 15.29
C CYS B 309 -12.12 32.44 14.31
N GLY B 310 -10.87 32.92 14.29
CA GLY B 310 -10.39 33.97 13.37
C GLY B 310 -10.59 33.61 11.90
N CYS B 311 -10.74 32.32 11.58
CA CYS B 311 -10.89 31.80 10.18
C CYS B 311 -12.29 32.12 9.64
N GLY B 312 -13.28 32.29 10.53
CA GLY B 312 -14.67 32.63 10.17
C GLY B 312 -15.49 31.44 9.67
N TRP B 313 -14.94 30.21 9.67
CA TRP B 313 -15.73 28.99 9.34
C TRP B 313 -16.83 28.82 10.39
N LEU B 314 -18.05 28.53 9.94
CA LEU B 314 -19.22 28.36 10.84
C LEU B 314 -19.30 26.89 11.28
N LEU B 315 -18.25 26.45 11.98
CA LEU B 315 -18.10 25.07 12.48
C LEU B 315 -17.40 25.11 13.83
N PRO B 316 -17.82 24.24 14.78
CA PRO B 316 -17.10 24.12 16.04
C PRO B 316 -15.67 23.59 15.83
N THR B 317 -14.77 23.99 16.71
CA THR B 317 -13.35 23.55 16.76
C THR B 317 -13.28 22.33 17.66
N VAL B 318 -12.23 21.52 17.49
CA VAL B 318 -12.01 20.34 18.36
C VAL B 318 -10.52 20.24 18.63
N THR B 319 -10.19 20.00 19.90
CA THR B 319 -8.86 19.54 20.36
C THR B 319 -9.00 18.08 20.75
N VAL B 320 -8.06 17.25 20.29
CA VAL B 320 -8.00 15.80 20.63
C VAL B 320 -6.85 15.61 21.64
N LEU B 321 -7.21 15.38 22.91
CA LEU B 321 -6.24 15.24 24.03
C LEU B 321 -5.60 13.86 23.96
N GLY B 322 -6.40 12.81 23.79
CA GLY B 322 -5.91 11.43 23.57
C GLY B 322 -7.01 10.43 23.74
N ARG B 323 -6.64 9.19 24.09
CA ARG B 323 -7.58 8.09 24.38
C ARG B 323 -7.86 8.10 25.88
N ALA B 324 -8.90 7.37 26.32
CA ALA B 324 -9.18 7.00 27.74
C ALA B 324 -7.91 6.42 28.40
N GLY B 325 -7.43 7.08 29.45
CA GLY B 325 -6.26 6.66 30.25
C GLY B 325 -6.42 7.09 31.69
N THR B 326 -5.65 6.48 32.62
CA THR B 326 -5.69 6.76 34.08
C THR B 326 -4.90 8.06 34.38
N GLY B 327 -4.11 8.57 33.42
CA GLY B 327 -3.62 9.97 33.39
C GLY B 327 -2.15 10.12 33.73
N HIS B 328 -1.51 9.05 34.22
CA HIS B 328 -0.13 9.02 34.80
C HIS B 328 0.01 10.08 35.88
N ARG B 329 0.05 9.66 37.15
CA ARG B 329 0.12 10.55 38.34
C ARG B 329 1.42 10.20 39.09
N ILE B 330 2.28 11.20 39.32
CA ILE B 330 3.56 11.06 40.07
C ILE B 330 3.47 11.96 41.31
N GLY B 331 2.95 11.42 42.42
CA GLY B 331 2.60 12.19 43.62
C GLY B 331 1.39 13.08 43.39
N PRO B 332 1.41 14.34 43.88
CA PRO B 332 0.29 15.25 43.69
C PRO B 332 0.18 15.82 42.27
N ALA B 333 1.21 15.63 41.44
CA ALA B 333 1.30 16.16 40.05
C ALA B 333 0.87 15.06 39.05
N THR B 334 0.10 15.45 38.04
CA THR B 334 -0.36 14.60 36.91
C THR B 334 0.45 14.97 35.66
N VAL B 335 1.19 14.02 35.09
CA VAL B 335 1.97 14.25 33.85
C VAL B 335 1.20 13.58 32.70
N THR B 336 1.02 14.37 31.64
CA THR B 336 0.42 13.93 30.36
C THR B 336 1.54 13.99 29.33
N GLN B 337 1.46 13.15 28.31
CA GLN B 337 2.33 13.25 27.11
C GLN B 337 2.25 14.67 26.56
N GLN B 338 1.04 15.24 26.48
CA GLN B 338 0.79 16.57 25.89
C GLN B 338 1.66 17.60 26.63
N ARG B 339 1.65 17.57 27.96
CA ARG B 339 2.42 18.57 28.75
C ARG B 339 3.93 18.36 28.53
N LEU B 340 4.43 17.13 28.57
CA LEU B 340 5.88 16.86 28.37
C LEU B 340 6.29 17.28 26.96
N GLU B 341 5.46 16.98 25.98
CA GLU B 341 5.73 17.32 24.55
C GLU B 341 5.94 18.83 24.43
N GLU B 342 5.12 19.65 25.09
CA GLU B 342 5.23 21.13 25.05
C GLU B 342 6.60 21.56 25.57
N LEU B 343 7.07 20.93 26.64
CA LEU B 343 8.37 21.28 27.28
C LEU B 343 9.51 20.82 26.37
N VAL B 344 9.46 19.58 25.87
CA VAL B 344 10.52 19.03 24.97
C VAL B 344 10.65 19.93 23.73
N PHE B 345 9.53 20.31 23.11
CA PHE B 345 9.56 21.07 21.84
C PHE B 345 9.63 22.57 22.10
N SER B 346 9.73 23.00 23.35
CA SER B 346 10.07 24.39 23.72
C SER B 346 11.59 24.56 23.83
N LEU B 347 12.38 23.48 23.83
CA LEU B 347 13.86 23.62 23.75
C LEU B 347 14.20 24.34 22.45
N PRO B 348 15.23 25.21 22.44
CA PRO B 348 15.67 25.88 21.21
C PRO B 348 15.88 24.91 20.04
N ALA B 349 15.42 25.29 18.85
CA ALA B 349 15.53 24.48 17.61
C ALA B 349 16.99 24.07 17.38
N ALA B 350 17.95 24.93 17.74
CA ALA B 350 19.41 24.73 17.54
C ALA B 350 19.90 23.46 18.24
N TYR B 351 19.22 23.01 19.32
CA TYR B 351 19.59 21.77 20.06
C TYR B 351 19.24 20.51 19.26
N GLU B 352 18.35 20.62 18.27
CA GLU B 352 17.96 19.52 17.33
C GLU B 352 17.37 18.34 18.10
N VAL B 353 16.63 18.60 19.19
CA VAL B 353 15.97 17.52 19.99
C VAL B 353 14.61 17.21 19.35
N MET B 354 14.47 16.02 18.78
CA MET B 354 13.22 15.56 18.11
C MET B 354 12.74 14.22 18.67
N PHE B 355 13.66 13.35 19.07
CA PHE B 355 13.34 11.96 19.49
C PHE B 355 13.54 11.83 20.99
N TRP B 356 12.49 11.39 21.69
CA TRP B 356 12.47 11.33 23.16
C TRP B 356 11.46 10.28 23.60
N ARG B 357 11.50 9.92 24.88
CA ARG B 357 10.51 9.01 25.47
C ARG B 357 10.57 9.20 26.98
N ALA B 358 9.46 8.95 27.67
CA ALA B 358 9.39 9.07 29.15
C ALA B 358 8.69 7.85 29.72
N LYS B 359 9.01 7.54 30.99
CA LYS B 359 8.34 6.47 31.76
C LYS B 359 7.95 7.03 33.14
N ALA B 360 6.68 6.90 33.50
CA ALA B 360 6.14 7.33 34.81
C ALA B 360 6.36 6.19 35.80
N HIS B 361 7.28 6.41 36.75
CA HIS B 361 7.43 5.57 37.96
C HIS B 361 6.60 6.22 39.07
N PRO B 362 6.19 5.47 40.12
CA PRO B 362 5.41 6.06 41.21
C PRO B 362 6.08 7.30 41.82
N ASP B 363 7.42 7.35 41.79
CA ASP B 363 8.26 8.31 42.56
C ASP B 363 8.94 9.33 41.64
N VAL B 364 9.20 8.99 40.36
CA VAL B 364 10.11 9.79 39.50
C VAL B 364 9.69 9.67 38.03
N LEU B 365 9.90 10.74 37.26
CA LEU B 365 9.70 10.73 35.79
C LEU B 365 11.04 10.47 35.11
N GLU B 366 11.18 9.32 34.48
CA GLU B 366 12.34 8.95 33.63
C GLU B 366 12.09 9.49 32.22
N LEU B 367 13.01 10.30 31.69
CA LEU B 367 12.91 10.86 30.32
C LEU B 367 14.27 10.78 29.64
N GLU B 368 14.30 10.25 28.42
CA GLU B 368 15.52 10.17 27.56
C GLU B 368 15.23 10.90 26.25
N PHE B 369 16.25 11.53 25.67
CA PHE B 369 16.16 12.17 24.34
C PHE B 369 17.53 12.15 23.68
N GLU B 370 17.52 12.14 22.35
CA GLU B 370 18.74 12.27 21.50
C GLU B 370 19.05 13.76 21.33
N ALA B 371 20.33 14.10 21.48
CA ALA B 371 20.85 15.44 21.16
C ALA B 371 22.32 15.30 20.79
N PRO B 372 22.82 16.08 19.81
CA PRO B 372 24.25 16.13 19.51
C PRO B 372 25.04 16.50 20.77
N GLU B 373 26.27 16.02 20.85
CA GLU B 373 27.10 16.05 22.09
C GLU B 373 27.23 17.49 22.60
N PRO B 374 27.52 18.51 21.74
CA PRO B 374 27.83 19.85 22.24
C PRO B 374 26.70 20.51 23.06
N VAL B 375 25.44 20.24 22.71
CA VAL B 375 24.23 20.93 23.27
C VAL B 375 23.57 20.02 24.30
N ARG B 376 24.03 18.77 24.46
CA ARG B 376 23.32 17.73 25.22
C ARG B 376 23.17 18.17 26.68
N GLN B 377 24.19 18.74 27.31
CA GLN B 377 24.16 19.06 28.76
C GLN B 377 23.23 20.27 29.00
N ARG B 378 23.27 21.28 28.12
CA ARG B 378 22.35 22.44 28.13
C ARG B 378 20.91 21.94 28.06
N ALA B 379 20.62 21.01 27.15
CA ALA B 379 19.27 20.46 26.88
C ALA B 379 18.76 19.76 28.14
N VAL B 380 19.57 18.91 28.77
CA VAL B 380 19.20 18.15 30.00
C VAL B 380 18.84 19.15 31.11
N LYS B 381 19.68 20.17 31.32
CA LYS B 381 19.50 21.17 32.41
C LYS B 381 18.24 21.99 32.13
N GLU B 382 18.05 22.46 30.90
CA GLU B 382 16.92 23.36 30.52
C GLU B 382 15.61 22.59 30.61
N LEU B 383 15.58 21.32 30.20
CA LEU B 383 14.34 20.53 30.25
C LEU B 383 14.03 20.21 31.73
N GLY B 384 15.04 19.97 32.55
CA GLY B 384 14.89 19.80 34.02
C GLY B 384 14.27 21.04 34.66
N ALA B 385 14.73 22.23 34.29
CA ALA B 385 14.22 23.51 34.83
C ALA B 385 12.75 23.64 34.43
N ALA B 386 12.41 23.25 33.18
CA ALA B 386 11.05 23.36 32.64
C ALA B 386 10.12 22.44 33.43
N LEU B 387 10.54 21.19 33.72
CA LEU B 387 9.75 20.22 34.51
C LEU B 387 9.58 20.75 35.93
N ASP B 388 10.65 21.26 36.55
CA ASP B 388 10.62 21.87 37.91
C ASP B 388 9.57 23.00 37.91
N ARG B 389 9.64 23.91 36.94
CA ARG B 389 8.84 25.16 36.87
C ARG B 389 7.36 24.81 36.59
N GLU B 390 7.09 23.87 35.68
CA GLU B 390 5.73 23.62 35.12
C GLU B 390 5.03 22.45 35.83
N LEU B 391 5.76 21.43 36.29
CA LEU B 391 5.16 20.19 36.85
C LEU B 391 5.60 19.96 38.31
N GLY B 392 6.81 20.39 38.69
CA GLY B 392 7.43 20.13 39.99
C GLY B 392 7.46 18.64 40.33
N VAL B 393 7.68 17.77 39.33
CA VAL B 393 7.83 16.30 39.55
C VAL B 393 9.31 15.96 39.66
N PRO B 394 9.68 14.96 40.50
CA PRO B 394 11.04 14.43 40.49
C PRO B 394 11.29 13.80 39.12
N HIS B 395 12.49 13.97 38.57
CA HIS B 395 12.84 13.50 37.20
C HIS B 395 14.28 12.97 37.17
N ARG B 396 14.51 11.93 36.36
CA ARG B 396 15.84 11.50 35.89
C ARG B 396 15.86 11.70 34.38
N ILE B 397 16.49 12.78 33.90
CA ILE B 397 16.61 13.13 32.46
C ILE B 397 18.00 12.71 31.97
N THR B 398 18.04 11.91 30.90
CA THR B 398 19.29 11.42 30.26
C THR B 398 19.32 11.84 28.80
N GLY B 399 20.34 12.59 28.40
CA GLY B 399 20.65 12.88 26.99
C GLY B 399 21.39 11.71 26.36
N LEU B 400 21.05 11.36 25.12
CA LEU B 400 21.60 10.18 24.42
C LEU B 400 22.28 10.62 23.11
N ALA B 401 23.31 9.85 22.72
CA ALA B 401 24.01 9.97 21.43
C ALA B 401 22.99 9.78 20.30
N PRO B 402 23.09 10.56 19.21
CA PRO B 402 22.31 10.25 18.01
C PRO B 402 22.59 8.80 17.58
N GLY B 403 21.58 8.12 17.05
CA GLY B 403 21.66 6.71 16.61
C GLY B 403 21.27 5.75 17.72
N THR B 404 20.96 6.24 18.92
CA THR B 404 20.60 5.42 20.12
C THR B 404 19.11 5.05 20.08
N LEU B 405 18.22 6.02 19.90
CA LEU B 405 16.75 5.77 19.85
C LEU B 405 16.36 5.47 18.41
N VAL B 406 16.90 6.24 17.47
CA VAL B 406 16.62 6.10 16.01
C VAL B 406 17.93 5.69 15.33
N PRO B 407 18.08 4.40 14.97
CA PRO B 407 19.35 3.91 14.43
C PRO B 407 19.68 4.57 13.09
N ALA B 408 20.97 4.77 12.83
CA ALA B 408 21.47 5.39 11.60
C ALA B 408 20.96 4.59 10.39
N GLU B 409 20.88 3.25 10.51
CA GLU B 409 20.47 2.42 9.34
C GLU B 409 19.02 2.73 8.93
N ALA B 410 18.12 3.04 9.87
CA ALA B 410 16.74 3.47 9.54
C ALA B 410 16.78 4.72 8.65
N LEU B 411 17.74 5.61 8.88
CA LEU B 411 17.81 6.92 8.19
C LEU B 411 18.52 6.82 6.82
N THR B 412 19.50 5.92 6.64
CA THR B 412 20.39 5.94 5.45
C THR B 412 20.32 4.64 4.64
N ALA B 413 19.89 3.52 5.21
CA ALA B 413 20.00 2.21 4.53
C ALA B 413 19.11 2.23 3.29
N GLN B 414 19.62 1.74 2.16
CA GLN B 414 18.87 1.48 0.91
C GLN B 414 18.56 -0.02 0.84
N ARG B 415 17.41 -0.40 0.31
CA ARG B 415 17.07 -1.83 0.15
C ARG B 415 16.58 -2.07 -1.28
N ASP B 416 17.32 -2.87 -2.05
CA ASP B 416 16.85 -3.36 -3.38
C ASP B 416 15.50 -4.05 -3.18
N ILE B 417 14.58 -3.92 -4.12
CA ILE B 417 13.28 -4.65 -4.08
C ILE B 417 13.50 -5.95 -4.84
N LEU B 418 13.85 -7.02 -4.12
CA LEU B 418 14.23 -8.32 -4.73
C LEU B 418 12.97 -9.16 -4.96
N LYS B 419 13.10 -10.19 -5.78
CA LYS B 419 12.04 -11.20 -6.03
C LYS B 419 12.64 -12.57 -5.77
N ALA B 420 11.80 -13.58 -5.52
CA ALA B 420 12.25 -14.96 -5.24
C ALA B 420 13.19 -15.44 -6.35
N ARG B 421 14.28 -16.08 -5.94
CA ARG B 421 15.25 -16.74 -6.85
C ARG B 421 15.57 -18.11 -6.23
N TYR B 422 15.67 -19.16 -7.05
CA TYR B 422 15.85 -20.53 -6.55
C TYR B 422 17.23 -21.06 -6.94
N LEU B 423 17.75 -20.74 -8.12
CA LEU B 423 19.09 -21.21 -8.57
C LEU B 423 20.07 -20.04 -8.59
N PHE B 424 21.20 -20.17 -7.90
CA PHE B 424 22.22 -19.11 -7.74
C PHE B 424 23.54 -19.59 -8.33
N ALA B 425 24.31 -18.65 -8.91
CA ALA B 425 25.72 -18.86 -9.31
C ALA B 425 26.59 -18.93 -8.04
N GLU B 426 27.77 -19.55 -8.14
CA GLU B 426 28.68 -19.85 -7.01
C GLU B 426 28.94 -18.61 -6.14
N ASP B 427 29.17 -17.46 -6.79
CA ASP B 427 29.62 -16.21 -6.13
C ASP B 427 28.44 -15.46 -5.49
N GLU B 428 27.19 -15.82 -5.82
CA GLU B 428 25.98 -15.11 -5.35
C GLU B 428 25.62 -15.56 -3.93
N ASP B 429 24.96 -14.67 -3.19
CA ASP B 429 24.42 -14.92 -1.82
C ASP B 429 23.02 -15.53 -1.98
N TRP B 430 22.85 -16.80 -1.61
CA TRP B 430 21.55 -17.52 -1.80
C TRP B 430 20.65 -17.36 -0.57
N ASP B 431 21.03 -16.51 0.39
CA ASP B 431 20.22 -16.24 1.61
C ASP B 431 18.90 -15.58 1.20
N LYS B 432 18.85 -14.94 0.01
CA LYS B 432 17.65 -14.18 -0.49
C LYS B 432 16.77 -15.04 -1.40
N ALA B 433 16.87 -16.36 -1.32
CA ALA B 433 16.16 -17.30 -2.23
C ALA B 433 14.64 -17.16 -2.01
N VAL B 434 14.17 -17.55 -0.83
CA VAL B 434 12.71 -17.67 -0.53
C VAL B 434 12.29 -16.50 0.37
N MET B 435 13.14 -16.08 1.32
CA MET B 435 12.90 -14.87 2.18
C MET B 435 13.67 -13.69 1.56
N TYR B 436 13.07 -13.05 0.55
CA TYR B 436 13.73 -12.05 -0.35
C TYR B 436 13.35 -10.61 0.01
N PHE B 437 12.49 -10.37 1.01
CA PHE B 437 11.99 -9.00 1.36
C PHE B 437 13.11 -8.17 1.98
ZN ZN C . -5.08 -20.06 -25.29
O8 3HA D . 5.84 -7.28 -11.50
C7 3HA D . 5.54 -6.23 -12.10
O9 3HA D . 6.33 -5.26 -12.21
C2 3HA D . 4.21 -6.19 -12.78
C1 3HA D . 3.53 -5.00 -13.08
C6 3HA D . 2.31 -5.04 -13.75
C5 3HA D . 1.71 -6.24 -14.13
C4 3HA D . 2.32 -7.45 -13.86
O11 3HA D . 1.79 -8.64 -14.23
C3 3HA D . 3.62 -7.48 -13.17
N10 3HA D . 4.24 -8.66 -12.89
PG ANP E . 14.52 -3.49 -13.75
O1G ANP E . 13.74 -2.93 -14.91
O2G ANP E . 15.37 -2.39 -13.15
O3G ANP E . 15.41 -4.62 -14.23
PB ANP E . 12.37 -5.25 -12.96
O1B ANP E . 12.75 -6.01 -14.21
O2B ANP E . 12.07 -6.02 -11.70
N3B ANP E . 13.45 -4.06 -12.66
PA ANP E . 9.50 -4.54 -12.81
O1A ANP E . 8.71 -3.73 -13.79
O2A ANP E . 9.48 -4.17 -11.37
O3A ANP E . 11.01 -4.47 -13.34
O5' ANP E . 9.15 -6.11 -12.97
C5' ANP E . 8.68 -6.66 -14.23
C4' ANP E . 9.45 -7.92 -14.57
O4' ANP E . 9.02 -9.03 -13.74
C3' ANP E . 9.27 -8.44 -15.99
O3' ANP E . 10.03 -7.73 -16.95
C2' ANP E . 9.80 -9.87 -15.81
O2' ANP E . 11.20 -9.92 -15.69
C1' ANP E . 9.15 -10.23 -14.49
N9 ANP E . 7.83 -10.87 -14.68
C8 ANP E . 6.57 -10.36 -14.45
N7 ANP E . 5.62 -11.24 -14.68
C5 ANP E . 6.30 -12.40 -15.05
C6 ANP E . 5.87 -13.70 -15.42
N6 ANP E . 4.59 -14.08 -15.45
N1 ANP E . 6.83 -14.62 -15.70
C2 ANP E . 8.11 -14.24 -15.67
N3 ANP E . 8.64 -13.07 -15.35
C4 ANP E . 7.66 -12.18 -15.05
C1 EDO F . 2.75 -30.09 -2.31
O1 EDO F . 2.31 -30.58 -1.08
C2 EDO F . 4.18 -29.69 -2.27
O2 EDO F . 4.73 -29.38 -3.52
C1 EDO G . -1.61 -10.45 13.16
O1 EDO G . -0.90 -9.27 12.76
C2 EDO G . -3.03 -10.58 12.72
O2 EDO G . -3.79 -11.48 13.50
C1 EDO H . -3.59 -28.57 2.35
O1 EDO H . -4.77 -29.07 2.94
C2 EDO H . -3.07 -29.30 1.18
O2 EDO H . -2.43 -28.44 0.28
C1 EDO I . 6.84 -32.38 -3.31
O1 EDO I . 6.11 -32.59 -2.15
C2 EDO I . 6.79 -31.00 -3.77
O2 EDO I . 7.61 -30.67 -4.87
MG MG J . -0.97 15.95 -11.68
MG MG K . -18.14 -5.94 -4.31
MG MG L . 11.27 -2.71 -14.82
ZN ZN M . -10.66 28.16 12.49
O8 3HA N . -7.01 5.61 10.70
C7 3HA N . -6.74 6.80 10.96
O9 3HA N . -5.91 7.17 11.84
C2 3HA N . -7.39 7.86 10.09
C1 3HA N . -8.40 7.53 9.17
C6 3HA N . -8.96 8.50 8.36
C5 3HA N . -8.56 9.86 8.41
C4 3HA N . -7.56 10.24 9.29
O11 3HA N . -7.10 11.50 9.40
C3 3HA N . -6.93 9.26 10.16
N10 3HA N . -5.96 9.68 10.99
PG ANP O . -8.83 0.72 17.92
O1G ANP O . -10.17 1.16 17.34
O2G ANP O . -8.76 -0.77 18.07
O3G ANP O . -8.77 1.29 19.32
PB ANP O . -7.31 2.82 16.63
O1B ANP O . -8.07 3.67 17.61
O2B ANP O . -5.88 3.15 16.33
N3B ANP O . -7.61 1.26 16.97
PA ANP O . -7.79 3.87 13.90
O1A ANP O . -9.13 4.01 13.26
O2A ANP O . -6.69 3.12 13.21
O3A ANP O . -8.13 3.17 15.29
O5' ANP O . -7.19 5.29 14.38
C5' ANP O . -8.06 6.39 14.70
C4' ANP O . -7.59 7.06 15.97
O4' ANP O . -6.32 7.76 15.77
C3' ANP O . -8.52 8.15 16.48
O3' ANP O . -9.67 7.62 17.13
C2' ANP O . -7.59 8.87 17.44
O2' ANP O . -7.42 8.16 18.66
C1' ANP O . -6.30 8.88 16.63
N9 ANP O . -6.17 10.12 15.86
C8 ANP O . -6.33 10.32 14.51
N7 ANP O . -6.12 11.57 14.16
C5 ANP O . -5.80 12.23 15.34
C6 ANP O . -5.46 13.57 15.64
N6 ANP O . -5.35 14.54 14.74
N1 ANP O . -5.18 13.87 16.94
C2 ANP O . -5.25 12.89 17.84
N3 ANP O . -5.56 11.60 17.68
C4 ANP O . -5.81 11.33 16.39
C1 EDO P . 4.92 19.97 -8.88
O1 EDO P . 4.16 18.79 -9.05
C2 EDO P . 6.39 19.73 -8.89
O2 EDO P . 7.12 20.63 -8.09
C1 EDO Q . -22.31 18.52 14.64
O1 EDO Q . -23.37 17.68 15.00
C2 EDO Q . -21.71 19.21 15.78
O2 EDO Q . -20.53 19.91 15.46
C1 EDO R . 18.50 22.98 13.04
O1 EDO R . 19.72 23.33 13.68
C2 EDO R . 17.89 24.12 12.32
O2 EDO R . 18.77 24.77 11.43
C1 PEG S . 2.66 7.59 9.21
O1 PEG S . 3.33 8.25 8.14
C2 PEG S . 1.18 7.45 9.03
O2 PEG S . 0.68 6.38 9.80
C3 PEG S . -0.44 6.72 10.60
C4 PEG S . -1.70 6.80 9.77
O4 PEG S . -2.36 5.55 9.64
MG MG T . -23.64 11.49 16.93
#